data_8WG5
#
_entry.id   8WG5
#
_cell.length_a   1.00
_cell.length_b   1.00
_cell.length_c   1.00
_cell.angle_alpha   90.00
_cell.angle_beta   90.00
_cell.angle_gamma   90.00
#
_symmetry.space_group_name_H-M   'P 1'
#
loop_
_entity.id
_entity.type
_entity.pdbx_description
1 polymer 'Ubiquitin carboxyl-terminal hydrolase 16'
2 polymer 'Histone H3.1'
3 polymer 'Histone H4'
4 polymer 'Histone H2A type 1-B/E'
5 polymer 'Histone H2B type 1-K'
6 polymer 'DNA (147-MER)'
7 polymer 'DNA (147-MER)'
8 polymer 'Ubiquitin B'
#
loop_
_entity_poly.entity_id
_entity_poly.type
_entity_poly.pdbx_seq_one_letter_code
_entity_poly.pdbx_strand_id
1 'polypeptide(L)'
;MGKKRTKGKTVPIDDSSETLEPVCRHIRKGLEQGNLKKALVNVEWNICQDCKTDNKVKDKAEEETEEKPSVWLCLKCGHQ
GCGRNSQEQHALKHYLTPRSEPHCLVLSLDNWSVWCYVCDNEVQYCSSNQLGQVVDYVRKQASITTPKPAEKDNGNIELE
NKKLEKESKNEQEREKKENMAKENPPMNSPCQITVKGLSNLGNTCFFNAVMQNLSQTPVLRELLKEVKMSGTIVKIEPPD
LALTEPLEINLEPPGPLTLAMSQFLNEMQETKKGVVTPKELFSQVCKKAVRFKGYQQQDSQELLRYLLDGMRAEEHQRVS
KGILKAFGNSTEKLDEELKNKVKDYEKKKSMPSFVDRIFGGELTSMIMCDQCRTVSLVHESFLDLSLPVLDDQSGKKSVN
DKNLKKTVEDEDQDSEEEKDNDSYIKERSDIPSGTSKHLQKKAKKQAKKQAKNQRRQQKIQGKVLHLNDICTIDHPEDSE
YEAEMSLQGEVNIKSNHISQEGVMHKEYCVNQKDLNGQAKMIESVTDNQKSTEEVDMKNINMDNDLEVLTSSPTRNLNGA
YLTEGSNGEVDISNGFKNLNLNAALHPDEINIEILNDSHTPGTKVYEVVNEDPETAFCTLANREVFNTDECSIQHCLYQF
TRNEKLRDANKLLCEVCTRRQCNGPKANIKGERKHVYTNAKKQMLISLAPPVLTLHLKRFQQAGFNLRKVNKHIKFPEIL
DLAPFCTLKCKNVAEENTRVLYSLYGVVEHSGTMRSGHYTAYAKARTANSHLSNLVLHGDIPQDFEMESKGQWFHISDTH
VQAVPTTKVLNSQAYLLFYERIL
;
M
2 'polypeptide(L)'
;KPHRYRPGTVALREIRRYQKSTELLIRKLPFQRLVREIAQDFKTDLRFQSSAVMALQEACEAYLVGLFEDTNLCAIHAKR
VTIMPKDIQLARRIRGER
;
A,E
3 'polypeptide(L)' RDNIQGITKPAIRRLARRGGVKRISGLIYEETRGVLKVFLENVIRDAVTYTEHAKRKTVTAMDVVYALKRQGRTLYGFG B,F
4 'polypeptide(L)'
;ARAKAKTRSSRAGLQFPVGRVHRLLRKGNYSERVGAGAPVYLAAVLEYLTAEILELAGNAARDNKKTRIIPRHLQLAIRN
DEELNKLLGRVTIAQGGVLPNIQAVLLPKCT
;
C,G
5 'polypeptide(L)'
;RSRKESYSVYVYKVLKQVHPDTGISSKAMGIMNSFVNDIFERIAGEASRLAHYNKRSTITSREIQTAVRLLLPGELAKHA
VSEGTKAVTKYTSA
;
D,H
6 'polydeoxyribonucleotide'
;(DA)(DC)(DA)(DG)(DG)(DA)(DT)(DG)(DT)(DA)(DT)(DA)(DT)(DA)(DT)(DC)(DT)(DG)(DA)(DC)
(DA)(DC)(DG)(DT)(DG)(DC)(DC)(DT)(DG)(DG)(DA)(DG)(DA)(DC)(DT)(DA)(DG)(DG)(DG)(DA)
(DG)(DT)(DA)(DA)(DT)(DC)(DC)(DC)(DC)(DT)(DT)(DG)(DG)(DC)(DG)(DG)(DT)(DT)(DA)(DA)
(DA)(DA)(DC)(DG)(DC)(DG)(DG)(DG)(DG)(DG)(DA)(DC)(DA)(DG)(DC)(DG)(DC)(DG)(DT)(DA)
(DC)(DG)(DT)(DG)(DC)(DG)(DT)(DT)(DT)(DA)(DA)(DG)(DC)(DG)(DG)(DT)(DG)(DC)(DT)(DA)
(DG)(DA)(DG)(DC)(DT)(DG)(DT)(DC)(DT)(DA)(DC)(DG)(DA)(DC)(DC)(DA)(DA)(DT)(DT)(DG)
(DA)(DG)(DC)(DG)(DG)(DC)(DC)(DT)(DC)(DG)(DG)(DC)(DA)(DC)(DC)(DG)(DG)(DG)(DA)(DT)
(DT)(DC)(DT)(DC)(DC)(DA)(DG)
;
I
7 'polydeoxyribonucleotide'
;(DC)(DT)(DG)(DG)(DA)(DG)(DA)(DA)(DT)(DC)(DC)(DC)(DG)(DG)(DT)(DG)(DC)(DC)(DG)(DA)
(DG)(DG)(DC)(DC)(DG)(DC)(DT)(DC)(DA)(DA)(DT)(DT)(DG)(DG)(DT)(DC)(DG)(DT)(DA)(DG)
(DA)(DC)(DA)(DG)(DC)(DT)(DC)(DT)(DA)(DG)(DC)(DA)(DC)(DC)(DG)(DC)(DT)(DT)(DA)(DA)
(DA)(DC)(DG)(DC)(DA)(DC)(DG)(DT)(DA)(DC)(DG)(DC)(DG)(DC)(DT)(DG)(DT)(DC)(DC)(DC)
(DC)(DC)(DG)(DC)(DG)(DT)(DT)(DT)(DT)(DA)(DA)(DC)(DC)(DG)(DC)(DC)(DA)(DA)(DG)(DG)
(DG)(DG)(DA)(DT)(DT)(DA)(DC)(DT)(DC)(DC)(DC)(DT)(DA)(DG)(DT)(DC)(DT)(DC)(DC)(DA)
(DG)(DG)(DC)(DA)(DC)(DG)(DT)(DG)(DT)(DC)(DA)(DG)(DA)(DT)(DA)(DT)(DA)(DT)(DA)(DC)
(DA)(DT)(DC)(DC)(DT)(DG)(DT)
;
J
8 'polypeptide(L)' MQIFVKTLTGKTITLEVEPSDTIENVKAKIQDKEGIPPDQQRLIFAGKQLEDGRTLSDYNIQKESTLHLVLRLRGC U
#
loop_
_chem_comp.id
_chem_comp.type
_chem_comp.name
_chem_comp.formula
DA DNA linking 2'-DEOXYADENOSINE-5'-MONOPHOSPHATE 'C10 H14 N5 O6 P'
DC DNA linking 2'-DEOXYCYTIDINE-5'-MONOPHOSPHATE 'C9 H14 N3 O7 P'
DG DNA linking 2'-DEOXYGUANOSINE-5'-MONOPHOSPHATE 'C10 H14 N5 O7 P'
DT DNA linking THYMIDINE-5'-MONOPHOSPHATE 'C10 H15 N2 O8 P'
#
# COMPACT_ATOMS: atom_id res chain seq x y z
N THR A 194 34.27 13.05 3.43
CA THR A 194 34.08 14.35 4.06
C THR A 194 32.81 14.36 4.92
N VAL A 195 32.84 15.12 6.01
CA VAL A 195 31.69 15.22 6.89
C VAL A 195 30.60 16.05 6.21
N LYS A 196 29.35 15.65 6.41
CA LYS A 196 28.22 16.30 5.77
C LYS A 196 27.03 16.34 6.72
N GLY A 197 26.16 17.32 6.50
CA GLY A 197 24.98 17.46 7.33
C GLY A 197 23.89 16.46 6.97
N LEU A 198 22.92 16.34 7.87
CA LEU A 198 21.81 15.41 7.71
C LEU A 198 20.50 16.18 7.88
N SER A 199 19.58 15.98 6.95
CA SER A 199 18.32 16.70 6.97
C SER A 199 17.38 16.12 8.01
N ASN A 200 17.07 16.90 9.05
CA ASN A 200 16.13 16.46 10.06
C ASN A 200 14.72 16.40 9.49
N LEU A 201 13.97 15.41 9.93
CA LEU A 201 12.59 15.21 9.49
C LEU A 201 11.59 15.87 10.44
N GLY A 202 12.09 16.50 11.51
CA GLY A 202 11.22 17.18 12.46
C GLY A 202 11.49 16.78 13.89
N ASN A 203 11.81 15.50 14.11
CA ASN A 203 12.15 15.02 15.43
C ASN A 203 13.24 13.97 15.41
N THR A 204 13.83 13.68 14.25
CA THR A 204 14.82 12.62 14.10
C THR A 204 16.24 13.08 14.38
N CYS A 205 16.41 14.13 15.19
CA CYS A 205 17.75 14.56 15.57
C CYS A 205 18.50 13.43 16.26
N PHE A 206 17.81 12.63 17.06
CA PHE A 206 18.41 11.43 17.62
C PHE A 206 18.79 10.45 16.51
N PHE A 207 17.90 10.27 15.53
CA PHE A 207 18.23 9.41 14.39
C PHE A 207 19.32 10.02 13.54
N ASN A 208 19.32 11.35 13.41
CA ASN A 208 20.39 12.00 12.66
C ASN A 208 21.74 11.80 13.33
N ALA A 209 21.78 11.91 14.66
CA ALA A 209 23.03 11.76 15.39
C ALA A 209 23.58 10.34 15.29
N VAL A 210 22.71 9.34 15.43
CA VAL A 210 23.18 7.95 15.39
C VAL A 210 23.68 7.58 14.01
N MET A 211 23.17 8.23 12.96
CA MET A 211 23.72 8.02 11.63
C MET A 211 25.12 8.63 11.50
N GLN A 212 25.33 9.82 12.06
CA GLN A 212 26.58 10.55 11.86
C GLN A 212 27.76 9.82 12.50
N ASN A 213 27.63 9.44 13.77
CA ASN A 213 28.72 8.75 14.44
C ASN A 213 28.93 7.36 13.86
N LEU A 214 27.84 6.70 13.46
CA LEU A 214 27.95 5.42 12.77
C LEU A 214 28.66 5.57 11.43
N SER A 215 28.52 6.74 10.78
CA SER A 215 29.18 6.95 9.49
C SER A 215 30.69 6.91 9.62
N GLN A 216 31.22 7.13 10.82
CA GLN A 216 32.66 7.11 11.05
C GLN A 216 33.17 5.74 11.46
N THR A 217 32.49 4.66 11.04
CA THR A 217 32.94 3.30 11.32
C THR A 217 33.50 2.71 10.04
N PRO A 218 34.81 2.82 9.79
CA PRO A 218 35.36 2.31 8.52
C PRO A 218 35.16 0.82 8.32
N VAL A 219 35.30 0.02 9.38
CA VAL A 219 35.22 -1.43 9.26
C VAL A 219 33.84 -1.87 8.79
N LEU A 220 32.80 -1.12 9.12
CA LEU A 220 31.45 -1.50 8.71
C LEU A 220 31.29 -1.38 7.21
N ARG A 221 32.02 -0.45 6.58
CA ARG A 221 31.93 -0.24 5.14
C ARG A 221 32.28 -1.51 4.36
N GLU A 222 33.43 -2.12 4.67
CA GLU A 222 33.88 -3.28 3.90
C GLU A 222 32.94 -4.46 4.08
N LEU A 223 32.45 -4.68 5.31
CA LEU A 223 31.63 -5.86 5.58
C LEU A 223 30.33 -5.84 4.78
N LEU A 224 29.71 -4.66 4.66
CA LEU A 224 28.47 -4.56 3.90
C LEU A 224 28.68 -4.92 2.43
N LYS A 225 29.87 -4.68 1.91
CA LYS A 225 30.15 -5.05 0.52
C LYS A 225 30.08 -6.56 0.33
N GLU A 226 30.56 -7.33 1.31
CA GLU A 226 30.42 -8.78 1.25
C GLU A 226 28.96 -9.19 1.48
N VAL A 227 28.20 -8.37 2.19
CA VAL A 227 26.82 -8.71 2.49
C VAL A 227 25.97 -8.73 1.21
N LYS A 228 26.09 -7.67 0.40
CA LYS A 228 25.27 -7.55 -0.80
C LYS A 228 25.65 -8.60 -1.84
N MET A 229 26.93 -8.91 -1.95
CA MET A 229 27.41 -9.82 -2.98
C MET A 229 28.67 -10.54 -2.53
N SER A 230 28.81 -11.81 -2.90
CA SER A 230 27.79 -12.53 -3.66
C SER A 230 27.01 -13.49 -2.78
N GLY A 231 25.93 -14.04 -3.32
CA GLY A 231 25.15 -15.04 -2.61
C GLY A 231 25.83 -16.39 -2.61
N THR A 232 26.99 -16.48 -1.95
CA THR A 232 27.78 -17.70 -1.93
C THR A 232 27.03 -18.84 -1.25
N ILE A 233 27.22 -20.06 -1.75
CA ILE A 233 26.58 -21.23 -1.18
C ILE A 233 27.38 -21.70 0.02
N VAL A 234 26.72 -21.82 1.17
CA VAL A 234 27.33 -22.30 2.40
C VAL A 234 26.80 -23.70 2.69
N LYS A 235 27.71 -24.63 2.98
CA LYS A 235 27.35 -26.02 3.22
C LYS A 235 27.50 -26.36 4.70
N ILE A 236 26.47 -26.99 5.25
CA ILE A 236 26.48 -27.42 6.64
C ILE A 236 26.14 -28.90 6.71
N GLU A 237 27.01 -29.68 7.33
CA GLU A 237 26.78 -31.12 7.50
C GLU A 237 25.58 -31.34 8.40
N PRO A 238 24.80 -32.40 8.18
CA PRO A 238 23.66 -32.68 9.06
C PRO A 238 24.10 -32.91 10.49
N PRO A 239 23.61 -32.09 11.43
CA PRO A 239 23.95 -32.21 12.85
C PRO A 239 23.50 -33.53 13.46
N LEU A 247 24.50 -29.47 3.84
CA LEU A 247 23.41 -28.63 3.35
C LEU A 247 23.95 -27.39 2.64
N GLU A 248 24.28 -27.54 1.36
CA GLU A 248 24.81 -26.46 0.55
C GLU A 248 23.65 -25.56 0.13
N ILE A 249 23.58 -24.37 0.73
CA ILE A 249 22.50 -23.42 0.48
C ILE A 249 23.11 -22.09 0.07
N ASN A 250 22.58 -21.52 -1.01
CA ASN A 250 23.04 -20.20 -1.46
C ASN A 250 22.56 -19.13 -0.50
N LEU A 251 23.20 -17.96 -0.56
CA LEU A 251 22.84 -16.85 0.30
C LEU A 251 21.84 -15.94 -0.40
N GLU A 252 20.72 -15.66 0.27
CA GLU A 252 19.73 -14.75 -0.25
C GLU A 252 20.26 -13.32 -0.23
N PRO A 253 19.78 -12.48 -1.13
CA PRO A 253 20.21 -11.07 -1.13
C PRO A 253 19.84 -10.39 0.18
N PRO A 254 20.63 -9.41 0.61
CA PRO A 254 20.31 -8.73 1.87
C PRO A 254 18.96 -8.04 1.81
N GLY A 255 18.26 -8.06 2.95
CA GLY A 255 16.95 -7.46 3.06
C GLY A 255 17.00 -5.95 3.02
N PRO A 256 15.84 -5.32 2.79
CA PRO A 256 15.82 -3.85 2.67
C PRO A 256 16.34 -3.13 3.89
N LEU A 257 16.16 -3.71 5.09
CA LEU A 257 16.69 -3.09 6.30
C LEU A 257 18.20 -2.95 6.23
N THR A 258 18.88 -4.03 5.83
CA THR A 258 20.33 -3.96 5.63
C THR A 258 20.67 -3.26 4.32
N LEU A 259 19.79 -3.36 3.33
CA LEU A 259 20.03 -2.69 2.06
C LEU A 259 20.15 -1.19 2.25
N ALA A 260 19.05 -0.52 2.62
CA ALA A 260 19.04 0.93 2.70
C ALA A 260 20.15 1.44 3.62
N MET A 261 20.52 0.64 4.61
CA MET A 261 21.71 0.94 5.42
C MET A 261 22.94 0.99 4.52
N SER A 262 23.10 0.00 3.64
CA SER A 262 24.33 -0.13 2.86
C SER A 262 24.53 1.05 1.92
N GLN A 263 23.51 1.41 1.13
CA GLN A 263 23.68 2.53 0.20
C GLN A 263 23.87 3.84 0.95
N PHE A 264 23.38 3.91 2.20
CA PHE A 264 23.45 5.17 2.94
C PHE A 264 24.88 5.67 3.10
N LEU A 265 25.81 4.77 3.42
CA LEU A 265 27.20 5.19 3.61
C LEU A 265 27.86 5.61 2.30
N ASN A 266 27.41 5.11 1.16
CA ASN A 266 28.01 5.52 -0.11
C ASN A 266 27.72 6.99 -0.41
N GLU A 267 26.50 7.45 -0.14
CA GLU A 267 26.21 8.86 -0.34
C GLU A 267 26.93 9.74 0.66
N MET A 268 27.47 9.16 1.74
CA MET A 268 28.21 9.96 2.71
C MET A 268 29.47 10.54 2.10
N GLN A 269 30.14 9.78 1.25
CA GLN A 269 31.39 10.21 0.62
C GLN A 269 31.26 10.52 -0.85
N GLU A 270 30.50 9.72 -1.60
CA GLU A 270 30.41 9.91 -3.05
C GLU A 270 29.67 11.19 -3.40
N THR A 271 28.55 11.45 -2.73
CA THR A 271 27.74 12.62 -3.05
C THR A 271 28.47 13.90 -2.71
N LYS A 272 28.41 14.88 -3.62
CA LYS A 272 29.16 16.12 -3.44
C LYS A 272 28.49 17.06 -2.45
N LYS A 273 27.16 17.10 -2.43
CA LYS A 273 26.42 17.97 -1.54
C LYS A 273 26.73 17.71 -0.06
N GLY A 274 26.66 18.76 0.75
CA GLY A 274 26.93 18.63 2.17
C GLY A 274 25.74 18.27 3.04
N VAL A 275 24.56 18.08 2.47
CA VAL A 275 23.37 17.72 3.22
C VAL A 275 22.78 16.46 2.61
N VAL A 276 22.46 15.49 3.47
CA VAL A 276 21.95 14.19 3.05
C VAL A 276 20.61 13.95 3.73
N THR A 277 19.65 13.40 2.99
CA THR A 277 18.32 13.12 3.51
C THR A 277 18.18 11.63 3.78
N PRO A 278 18.17 11.19 5.04
CA PRO A 278 18.00 9.77 5.38
C PRO A 278 16.52 9.37 5.52
N LYS A 279 15.70 9.76 4.54
CA LYS A 279 14.28 9.45 4.60
C LYS A 279 14.03 7.95 4.48
N GLU A 280 14.76 7.29 3.57
CA GLU A 280 14.50 5.87 3.31
C GLU A 280 14.82 5.00 4.51
N LEU A 281 15.94 5.27 5.19
CA LEU A 281 16.36 4.40 6.29
C LEU A 281 15.35 4.41 7.43
N PHE A 282 14.93 5.60 7.88
CA PHE A 282 13.95 5.67 8.96
C PHE A 282 12.60 5.11 8.52
N SER A 283 12.24 5.29 7.25
CA SER A 283 11.03 4.68 6.72
C SER A 283 11.14 3.15 6.72
N GLN A 284 12.33 2.63 6.40
CA GLN A 284 12.57 1.19 6.54
C GLN A 284 12.37 0.76 7.98
N VAL A 285 12.77 1.61 8.93
CA VAL A 285 12.58 1.31 10.34
C VAL A 285 11.11 1.37 10.73
N CYS A 286 10.36 2.24 10.06
CA CYS A 286 8.96 2.50 10.43
C CYS A 286 8.15 1.22 10.51
N LYS A 287 8.25 0.36 9.50
CA LYS A 287 7.54 -0.91 9.54
C LYS A 287 8.11 -1.85 10.59
N LYS A 288 9.39 -1.72 10.92
CA LYS A 288 10.02 -2.62 11.87
C LYS A 288 9.43 -2.45 13.26
N ALA A 289 9.32 -1.22 13.75
CA ALA A 289 8.69 -0.92 15.02
C ALA A 289 7.66 0.17 14.80
N VAL A 290 6.41 -0.08 15.23
CA VAL A 290 5.34 0.88 15.02
C VAL A 290 5.54 2.12 15.87
N ARG A 291 6.34 2.03 16.94
CA ARG A 291 6.55 3.16 17.83
C ARG A 291 7.27 4.32 17.15
N PHE A 292 7.98 4.07 16.05
CA PHE A 292 8.65 5.14 15.33
C PHE A 292 7.80 5.79 14.25
N LYS A 293 6.61 5.26 13.98
CA LYS A 293 5.76 5.82 12.94
C LYS A 293 5.12 7.10 13.45
N GLY A 294 5.32 8.19 12.72
CA GLY A 294 4.82 9.49 13.11
C GLY A 294 5.95 10.45 13.46
N TYR A 295 5.62 11.37 14.37
CA TYR A 295 6.59 12.34 14.86
C TYR A 295 6.69 12.37 16.38
N GLN A 296 6.16 11.37 17.05
CA GLN A 296 6.38 11.24 18.49
C GLN A 296 7.85 11.02 18.77
N GLN A 297 8.32 11.57 19.90
CA GLN A 297 9.74 11.60 20.17
C GLN A 297 10.25 10.24 20.64
N GLN A 298 11.51 9.96 20.33
CA GLN A 298 12.16 8.71 20.71
C GLN A 298 13.55 9.03 21.26
N ASP A 299 14.31 7.98 21.59
CA ASP A 299 15.59 8.16 22.25
C ASP A 299 16.70 7.49 21.44
N SER A 300 17.93 8.00 21.62
CA SER A 300 19.08 7.53 20.84
C SER A 300 19.43 6.07 21.12
N GLN A 301 19.58 5.69 22.40
CA GLN A 301 19.99 4.32 22.70
C GLN A 301 18.93 3.33 22.22
N GLU A 302 17.65 3.67 22.39
CA GLU A 302 16.60 2.73 22.04
C GLU A 302 16.57 2.47 20.54
N LEU A 303 16.78 3.52 19.73
CA LEU A 303 16.82 3.34 18.29
C LEU A 303 17.96 2.41 17.87
N LEU A 304 19.10 2.52 18.55
CA LEU A 304 20.26 1.71 18.19
C LEU A 304 19.98 0.23 18.34
N ARG A 305 19.27 -0.15 19.42
CA ARG A 305 19.15 -1.56 19.76
C ARG A 305 18.36 -2.33 18.72
N TYR A 306 17.20 -1.82 18.30
CA TYR A 306 16.54 -2.42 17.15
C TYR A 306 17.36 -2.27 15.89
N LEU A 307 18.07 -1.16 15.73
CA LEU A 307 18.94 -0.99 14.58
C LEU A 307 20.01 -2.07 14.55
N LEU A 308 20.57 -2.40 15.72
CA LEU A 308 21.64 -3.40 15.77
C LEU A 308 21.10 -4.80 15.51
N ASP A 309 20.19 -5.28 16.36
CA ASP A 309 19.72 -6.65 16.22
C ASP A 309 18.91 -6.84 14.94
N GLY A 310 18.39 -5.75 14.38
CA GLY A 310 17.72 -5.85 13.09
C GLY A 310 18.68 -6.20 11.97
N MET A 311 19.92 -5.72 12.05
CA MET A 311 20.94 -6.10 11.08
C MET A 311 21.17 -7.60 11.09
N ARG A 312 21.36 -8.18 12.29
CA ARG A 312 21.58 -9.62 12.38
C ARG A 312 20.30 -10.40 12.13
N ALA A 313 19.14 -9.82 12.45
CA ALA A 313 17.88 -10.53 12.29
C ALA A 313 17.64 -10.92 10.84
N GLU A 314 17.90 -9.99 9.91
CA GLU A 314 17.79 -10.32 8.50
C GLU A 314 18.80 -11.41 8.12
N GLU A 315 20.03 -11.31 8.63
CA GLU A 315 20.97 -12.40 8.48
C GLU A 315 20.48 -13.66 9.20
N HIS A 316 19.89 -13.48 10.38
CA HIS A 316 19.31 -14.61 11.11
C HIS A 316 18.17 -15.24 10.33
N GLN A 317 17.33 -14.43 9.70
CA GLN A 317 16.14 -14.92 9.02
C GLN A 317 16.42 -15.39 7.60
N ARG A 318 17.04 -14.55 6.76
CA ARG A 318 17.25 -14.88 5.37
C ARG A 318 18.11 -16.12 5.16
N VAL A 319 19.02 -16.42 6.09
CA VAL A 319 19.79 -17.66 6.00
C VAL A 319 18.92 -18.85 6.40
N SER A 320 18.18 -18.71 7.50
CA SER A 320 17.29 -19.79 7.93
C SER A 320 16.17 -20.01 6.93
N LYS A 321 15.61 -18.92 6.39
CA LYS A 321 14.57 -19.06 5.39
C LYS A 321 15.11 -19.67 4.10
N GLY A 322 16.40 -19.51 3.83
CA GLY A 322 16.97 -20.03 2.61
C GLY A 322 16.91 -21.54 2.52
N ILE A 323 17.29 -22.23 3.60
CA ILE A 323 17.25 -23.69 3.59
C ILE A 323 15.82 -24.18 3.55
N LEU A 324 14.91 -23.49 4.24
CA LEU A 324 13.51 -23.91 4.28
C LEU A 324 12.86 -23.81 2.90
N LYS A 325 13.11 -22.70 2.19
CA LYS A 325 12.55 -22.56 0.85
C LYS A 325 13.22 -23.50 -0.15
N ALA A 326 14.51 -23.77 0.03
CA ALA A 326 15.19 -24.71 -0.85
C ALA A 326 14.69 -26.13 -0.63
N PHE A 327 14.52 -26.53 0.63
CA PHE A 327 14.05 -27.88 0.94
C PHE A 327 12.54 -28.00 0.88
N GLY A 328 11.82 -26.89 0.78
CA GLY A 328 10.36 -26.93 0.73
C GLY A 328 9.75 -25.55 0.51
N ASP A 335 7.95 -28.37 6.09
CA ASP A 335 7.00 -28.62 7.17
C ASP A 335 7.16 -27.60 8.29
N GLU A 336 6.07 -27.27 8.97
CA GLU A 336 6.11 -26.26 10.01
C GLU A 336 6.98 -26.70 11.19
N GLU A 337 6.89 -27.97 11.58
CA GLU A 337 7.74 -28.47 12.65
C GLU A 337 9.22 -28.41 12.25
N LEU A 338 9.52 -28.76 10.99
CA LEU A 338 10.89 -28.61 10.51
C LEU A 338 11.32 -27.15 10.50
N LYS A 339 10.41 -26.25 10.11
CA LYS A 339 10.72 -24.83 10.13
C LYS A 339 11.01 -24.34 11.54
N ASN A 340 10.21 -24.78 12.51
CA ASN A 340 10.47 -24.43 13.91
C ASN A 340 11.79 -25.03 14.36
N LYS A 341 12.07 -26.28 13.97
CA LYS A 341 13.32 -26.92 14.36
C LYS A 341 14.52 -26.17 13.82
N VAL A 342 14.42 -25.63 12.60
CA VAL A 342 15.49 -24.80 12.06
C VAL A 342 15.71 -23.58 12.93
N LYS A 343 14.63 -22.92 13.33
CA LYS A 343 14.73 -21.79 14.26
C LYS A 343 15.25 -22.26 15.62
N ASP A 344 14.77 -23.41 16.08
CA ASP A 344 15.18 -23.92 17.39
C ASP A 344 16.68 -24.20 17.43
N TYR A 345 17.22 -24.78 16.35
CA TYR A 345 18.65 -25.05 16.30
C TYR A 345 19.45 -23.76 16.30
N GLU A 346 18.99 -22.75 15.55
CA GLU A 346 19.76 -21.53 15.39
C GLU A 346 19.73 -20.68 16.66
N LYS A 347 18.57 -20.60 17.32
CA LYS A 347 18.47 -19.77 18.51
C LYS A 347 19.39 -20.25 19.63
N LYS A 348 19.65 -21.56 19.68
CA LYS A 348 20.62 -22.10 20.62
C LYS A 348 22.04 -22.05 20.07
N LYS A 349 22.22 -21.61 18.83
CA LYS A 349 23.52 -21.51 18.19
C LYS A 349 23.97 -20.04 18.13
N SER A 350 25.28 -19.84 18.11
CA SER A 350 25.88 -18.51 18.07
C SER A 350 26.35 -18.25 16.64
N MET A 351 25.46 -17.70 15.83
CA MET A 351 25.81 -17.37 14.46
C MET A 351 26.70 -16.13 14.44
N PRO A 352 27.86 -16.18 13.79
CA PRO A 352 28.78 -15.02 13.75
C PRO A 352 28.31 -13.91 12.81
N SER A 353 27.40 -13.09 13.32
CA SER A 353 26.85 -11.99 12.53
C SER A 353 27.89 -10.89 12.33
N PHE A 354 27.64 -10.06 11.30
CA PHE A 354 28.56 -8.98 10.98
C PHE A 354 28.64 -7.97 12.12
N VAL A 355 27.50 -7.62 12.72
CA VAL A 355 27.50 -6.73 13.87
C VAL A 355 28.25 -7.38 15.03
N ASP A 356 28.04 -8.67 15.23
CA ASP A 356 28.77 -9.40 16.26
C ASP A 356 30.28 -9.40 15.99
N ARG A 357 30.70 -9.16 14.75
CA ARG A 357 32.10 -9.00 14.42
C ARG A 357 32.56 -7.55 14.43
N ILE A 358 31.67 -6.61 14.78
CA ILE A 358 32.01 -5.20 14.91
C ILE A 358 31.70 -4.68 16.30
N PHE A 359 30.47 -4.87 16.76
CA PHE A 359 30.07 -4.48 18.11
C PHE A 359 29.81 -5.64 19.04
N GLY A 360 29.83 -6.88 18.55
CA GLY A 360 29.51 -8.01 19.39
C GLY A 360 30.57 -8.34 20.41
N GLY A 361 30.15 -8.46 21.69
CA GLY A 361 31.06 -8.81 22.75
C GLY A 361 30.42 -9.85 23.68
N GLU A 362 31.26 -10.43 24.52
CA GLU A 362 30.85 -11.47 25.44
C GLU A 362 31.16 -11.02 26.87
N LEU A 363 30.13 -11.07 27.72
CA LEU A 363 30.27 -10.71 29.13
C LEU A 363 30.15 -11.98 29.97
N THR A 364 31.01 -12.08 30.98
CA THR A 364 31.03 -13.22 31.88
C THR A 364 30.75 -12.75 33.30
N SER A 365 29.82 -13.43 33.98
CA SER A 365 29.45 -13.12 35.35
C SER A 365 29.79 -14.31 36.23
N MET A 366 30.49 -14.04 37.33
CA MET A 366 30.88 -15.09 38.27
C MET A 366 29.98 -15.04 39.51
N ILE A 367 29.70 -16.21 40.06
CA ILE A 367 28.91 -16.32 41.28
C ILE A 367 29.59 -17.27 42.27
N SER A 376 30.55 -20.22 39.81
CA SER A 376 29.52 -20.30 38.78
C SER A 376 29.73 -19.23 37.70
N LEU A 377 30.25 -19.64 36.56
CA LEU A 377 30.52 -18.75 35.44
C LEU A 377 29.42 -18.88 34.40
N VAL A 378 28.79 -17.75 34.07
CA VAL A 378 27.73 -17.71 33.07
C VAL A 378 28.16 -16.76 31.96
N HIS A 379 28.05 -17.22 30.72
CA HIS A 379 28.50 -16.47 29.56
C HIS A 379 27.31 -15.85 28.84
N GLU A 380 27.36 -14.54 28.65
CA GLU A 380 26.30 -13.80 27.96
C GLU A 380 26.92 -12.88 26.92
N SER A 381 26.40 -12.92 25.71
CA SER A 381 26.81 -11.98 24.68
C SER A 381 26.16 -10.62 24.92
N PHE A 382 26.85 -9.55 24.53
CA PHE A 382 26.33 -8.20 24.66
C PHE A 382 26.70 -7.39 23.43
N LEU A 383 26.00 -6.27 23.24
CA LEU A 383 26.31 -5.32 22.20
C LEU A 383 26.65 -3.92 22.71
N ASP A 384 26.30 -3.60 23.95
CA ASP A 384 26.56 -2.28 24.50
C ASP A 384 26.60 -2.35 26.03
N LEU A 385 27.15 -1.31 26.63
CA LEU A 385 27.26 -1.21 28.09
C LEU A 385 26.42 -0.04 28.57
N SER A 386 25.53 -0.30 29.52
CA SER A 386 24.73 0.74 30.15
C SER A 386 25.31 0.99 31.54
N LEU A 387 26.13 2.02 31.65
CA LEU A 387 26.85 2.29 32.89
C LEU A 387 25.93 3.01 33.88
N PRO A 388 25.74 2.46 35.08
CA PRO A 388 25.00 3.21 36.10
C PRO A 388 25.76 4.45 36.54
N VAL A 389 25.01 5.48 36.93
CA VAL A 389 25.57 6.77 37.31
C VAL A 389 25.21 7.05 38.76
N LEU A 390 26.20 7.41 39.55
CA LEU A 390 26.02 7.73 40.96
C LEU A 390 25.22 9.02 41.13
N CYS A 631 34.71 11.99 39.40
CA CYS A 631 33.74 11.22 38.60
C CYS A 631 34.18 11.15 37.15
N SER A 632 34.65 9.99 36.73
CA SER A 632 35.09 9.76 35.36
C SER A 632 34.29 8.61 34.75
N ILE A 633 34.42 8.44 33.44
CA ILE A 633 33.82 7.28 32.80
C ILE A 633 34.49 6.01 33.31
N GLN A 634 35.79 6.07 33.58
CA GLN A 634 36.46 4.93 34.20
C GLN A 634 35.88 4.65 35.58
N HIS A 635 35.59 5.70 36.35
CA HIS A 635 34.94 5.52 37.64
C HIS A 635 33.61 4.78 37.48
N CYS A 636 32.84 5.13 36.45
CA CYS A 636 31.64 4.37 36.13
C CYS A 636 31.99 2.95 35.74
N LEU A 637 33.09 2.76 35.01
CA LEU A 637 33.52 1.41 34.65
C LEU A 637 33.83 0.58 35.88
N TYR A 638 34.49 1.18 36.87
CA TYR A 638 34.71 0.47 38.14
C TYR A 638 33.38 0.17 38.82
N GLN A 639 32.43 1.11 38.76
CA GLN A 639 31.12 0.89 39.38
C GLN A 639 30.41 -0.31 38.76
N PHE A 640 30.77 -0.67 37.53
CA PHE A 640 30.13 -1.79 36.84
C PHE A 640 30.63 -3.12 37.38
N THR A 641 31.87 -3.17 37.87
CA THR A 641 32.56 -4.42 38.16
C THR A 641 32.90 -4.60 39.64
N ARG A 642 32.02 -4.21 40.55
CA ARG A 642 32.17 -4.63 41.95
C ARG A 642 31.77 -6.08 42.12
N ASN A 643 32.22 -6.68 43.22
CA ASN A 643 31.87 -8.05 43.58
C ASN A 643 30.67 -7.97 44.53
N GLU A 644 29.61 -8.68 44.19
CA GLU A 644 28.39 -8.66 44.99
C GLU A 644 27.93 -10.07 45.34
N LYS A 682 29.55 -11.66 43.07
CA LYS A 682 28.91 -11.36 41.79
C LYS A 682 29.68 -10.29 41.03
N GLN A 683 30.64 -10.72 40.23
CA GLN A 683 31.47 -9.82 39.43
C GLN A 683 31.21 -10.07 37.96
N MET A 684 31.17 -9.00 37.18
CA MET A 684 30.92 -9.07 35.74
C MET A 684 32.19 -8.68 35.00
N LEU A 685 32.67 -9.57 34.13
CA LEU A 685 33.90 -9.34 33.39
C LEU A 685 33.71 -9.73 31.93
N ILE A 686 34.28 -8.93 31.03
CA ILE A 686 34.28 -9.25 29.61
C ILE A 686 35.48 -10.12 29.29
N SER A 687 35.26 -11.17 28.50
CA SER A 687 36.35 -11.98 28.00
C SER A 687 36.58 -11.79 26.50
N LEU A 688 35.58 -11.32 25.77
CA LEU A 688 35.68 -11.03 24.34
C LEU A 688 35.36 -9.57 24.13
N ALA A 689 36.40 -8.79 23.86
CA ALA A 689 36.24 -7.36 23.61
C ALA A 689 35.79 -7.13 22.17
N PRO A 690 34.65 -6.47 21.95
CA PRO A 690 34.22 -6.21 20.58
C PRO A 690 35.19 -5.28 19.89
N PRO A 691 35.35 -5.40 18.56
CA PRO A 691 36.26 -4.49 17.85
C PRO A 691 35.92 -3.02 18.03
N VAL A 692 34.63 -2.69 18.09
CA VAL A 692 34.17 -1.33 18.37
C VAL A 692 33.30 -1.38 19.61
N LEU A 693 33.60 -0.53 20.58
CA LEU A 693 32.92 -0.53 21.86
C LEU A 693 31.91 0.60 21.93
N THR A 694 30.69 0.28 22.36
CA THR A 694 29.63 1.25 22.56
C THR A 694 29.27 1.31 24.03
N LEU A 695 29.37 2.50 24.61
CA LEU A 695 29.15 2.70 26.05
C LEU A 695 28.04 3.72 26.27
N HIS A 696 27.18 3.44 27.23
CA HIS A 696 26.08 4.33 27.58
C HIS A 696 26.16 4.78 29.03
N LEU A 697 25.75 6.02 29.28
CA LEU A 697 25.70 6.59 30.62
C LEU A 697 24.24 6.78 31.02
N LYS A 698 23.87 6.25 32.18
CA LYS A 698 22.49 6.37 32.68
C LYS A 698 22.29 7.71 33.37
N ARG A 699 22.25 8.76 32.55
CA ARG A 699 21.95 10.10 33.06
C ARG A 699 20.52 10.23 33.52
N PHE A 700 19.67 9.27 33.22
CA PHE A 700 18.29 9.26 33.68
C PHE A 700 18.18 8.45 34.96
N GLN A 701 17.47 9.01 35.94
CA GLN A 701 17.21 8.30 37.19
C GLN A 701 16.03 8.97 37.88
N GLN A 702 15.19 8.17 38.53
CA GLN A 702 14.01 8.66 39.23
C GLN A 702 14.32 8.78 40.72
N ALA A 703 14.24 10.00 41.24
CA ALA A 703 14.44 10.26 42.66
C ALA A 703 13.09 10.07 43.34
N GLY A 704 12.83 8.85 43.80
CA GLY A 704 11.53 8.53 44.34
C GLY A 704 10.48 8.52 43.25
N PHE A 705 9.59 9.51 43.26
CA PHE A 705 8.62 9.69 42.21
C PHE A 705 8.99 10.82 41.26
N ASN A 706 10.18 11.40 41.42
CA ASN A 706 10.63 12.53 40.61
C ASN A 706 11.61 12.04 39.57
N LEU A 707 11.28 12.23 38.30
CA LEU A 707 12.11 11.85 37.17
C LEU A 707 12.94 13.06 36.74
N ARG A 708 14.24 13.02 37.00
CA ARG A 708 15.14 14.10 36.63
C ARG A 708 16.39 13.52 35.98
N LYS A 709 16.92 14.26 35.00
CA LYS A 709 18.10 13.84 34.27
C LYS A 709 19.35 14.30 35.00
N VAL A 710 20.33 13.40 35.11
CA VAL A 710 21.60 13.73 35.76
C VAL A 710 22.39 14.61 34.79
N ASN A 711 22.44 15.91 35.08
CA ASN A 711 23.19 16.86 34.27
C ASN A 711 24.66 16.93 34.65
N LYS A 712 25.09 16.15 35.64
CA LYS A 712 26.48 16.18 36.07
C LYS A 712 27.40 15.77 34.94
N HIS A 713 28.34 16.63 34.62
CA HIS A 713 29.31 16.33 33.57
C HIS A 713 30.26 15.22 34.02
N ILE A 714 30.66 14.40 33.07
CA ILE A 714 31.60 13.31 33.31
C ILE A 714 32.86 13.58 32.49
N LYS A 715 34.01 13.31 33.10
CA LYS A 715 35.28 13.50 32.43
C LYS A 715 35.68 12.20 31.73
N PHE A 716 36.17 12.32 30.50
CA PHE A 716 36.44 11.17 29.66
C PHE A 716 37.64 11.43 28.75
N PRO A 717 38.58 10.50 28.67
CA PRO A 717 39.72 10.68 27.77
C PRO A 717 39.49 10.05 26.40
N GLU A 718 40.42 10.33 25.50
CA GLU A 718 40.34 9.75 24.16
C GLU A 718 40.78 8.29 24.15
N ILE A 719 41.58 7.88 25.13
CA ILE A 719 42.13 6.54 25.19
C ILE A 719 41.74 5.91 26.52
N LEU A 720 41.42 4.62 26.50
CA LEU A 720 41.03 3.89 27.71
C LEU A 720 41.74 2.54 27.74
N ASP A 721 42.17 2.14 28.93
CA ASP A 721 42.77 0.84 29.15
C ASP A 721 41.71 -0.11 29.67
N LEU A 722 41.34 -1.11 28.86
CA LEU A 722 40.31 -2.07 29.21
C LEU A 722 40.87 -3.40 29.69
N ALA A 723 42.19 -3.53 29.78
CA ALA A 723 42.78 -4.79 30.24
C ALA A 723 42.36 -5.16 31.67
N PRO A 724 42.39 -4.26 32.66
CA PRO A 724 41.92 -4.67 34.00
C PRO A 724 40.46 -5.07 34.04
N PHE A 725 39.65 -4.60 33.09
CA PHE A 725 38.23 -4.92 33.02
C PHE A 725 37.96 -6.16 32.19
N CYS A 726 39.00 -6.78 31.63
CA CYS A 726 38.84 -7.97 30.80
C CYS A 726 39.11 -9.24 31.61
N VAL A 740 44.87 -3.30 26.36
CA VAL A 740 43.65 -3.08 25.59
C VAL A 740 43.33 -1.59 25.54
N LEU A 741 43.68 -0.95 24.44
CA LEU A 741 43.52 0.49 24.27
C LEU A 741 42.48 0.77 23.19
N TYR A 742 41.56 1.68 23.49
CA TYR A 742 40.49 2.06 22.57
C TYR A 742 40.51 3.56 22.37
N SER A 743 40.44 3.99 21.11
CA SER A 743 40.52 5.40 20.76
C SER A 743 39.12 5.96 20.54
N LEU A 744 38.85 7.12 21.15
CA LEU A 744 37.55 7.76 21.01
C LEU A 744 37.38 8.30 19.60
N TYR A 745 36.26 7.95 18.97
CA TYR A 745 35.92 8.48 17.66
C TYR A 745 34.48 8.96 17.52
N GLY A 746 33.57 8.50 18.38
CA GLY A 746 32.18 8.92 18.29
C GLY A 746 31.59 9.27 19.64
N VAL A 747 31.00 10.47 19.75
CA VAL A 747 30.43 10.96 21.00
C VAL A 747 29.03 11.51 20.70
N VAL A 748 28.06 11.14 21.53
CA VAL A 748 26.70 11.64 21.45
C VAL A 748 26.45 12.53 22.66
N GLU A 749 25.93 13.72 22.41
CA GLU A 749 25.62 14.69 23.46
C GLU A 749 24.14 15.02 23.42
N HIS A 750 23.50 14.99 24.59
CA HIS A 750 22.10 15.36 24.73
C HIS A 750 21.99 16.69 25.47
N SER A 751 21.15 17.58 24.97
CA SER A 751 20.95 18.91 25.54
C SER A 751 19.48 19.07 25.91
N GLY A 752 19.17 18.81 27.16
CA GLY A 752 17.80 18.96 27.65
C GLY A 752 17.55 18.01 28.81
N THR A 753 16.29 17.61 28.95
CA THR A 753 15.86 16.75 30.04
C THR A 753 15.17 15.50 29.52
N MET A 754 14.55 14.73 30.40
CA MET A 754 13.85 13.52 29.99
C MET A 754 12.70 13.80 29.04
N ARG A 755 12.03 14.94 29.21
CA ARG A 755 10.88 15.28 28.38
C ARG A 755 11.26 16.13 27.18
N SER A 756 12.00 17.20 27.39
CA SER A 756 12.49 18.07 26.32
C SER A 756 14.00 17.98 26.25
N GLY A 757 14.53 17.76 25.06
CA GLY A 757 15.98 17.64 24.90
C GLY A 757 16.38 17.84 23.47
N HIS A 758 17.70 17.87 23.26
CA HIS A 758 18.28 18.03 21.93
C HIS A 758 19.51 17.15 21.85
N TYR A 759 19.65 16.43 20.75
CA TYR A 759 20.76 15.51 20.54
C TYR A 759 21.75 16.11 19.55
N THR A 760 23.02 16.13 19.95
CA THR A 760 24.12 16.56 19.09
C THR A 760 25.19 15.47 19.08
N ALA A 761 25.89 15.36 17.95
CA ALA A 761 26.88 14.31 17.76
C ALA A 761 28.24 14.91 17.43
N TYR A 762 29.29 14.23 17.89
CA TYR A 762 30.67 14.59 17.59
C TYR A 762 31.33 13.42 16.87
N ALA A 763 32.11 13.74 15.84
CA ALA A 763 32.73 12.72 15.01
C ALA A 763 34.20 13.04 14.79
N LYS A 764 34.98 11.99 14.52
CA LYS A 764 36.41 12.11 14.23
C LYS A 764 36.60 11.78 12.75
N ALA A 765 36.88 12.81 11.95
CA ALA A 765 37.06 12.64 10.50
C ALA A 765 38.51 12.30 10.23
N ARG A 766 38.81 11.00 10.14
CA ARG A 766 40.16 10.52 9.91
C ARG A 766 40.18 9.61 8.70
N THR A 767 41.37 9.44 8.12
CA THR A 767 41.54 8.57 6.95
C THR A 767 41.26 7.11 7.29
N SER A 789 48.46 13.57 14.59
CA SER A 789 47.82 12.34 14.13
C SER A 789 46.31 12.40 14.34
N LYS A 790 45.89 12.89 15.50
CA LYS A 790 44.49 12.98 15.82
C LYS A 790 43.86 14.17 15.09
N GLY A 791 42.79 13.91 14.35
CA GLY A 791 42.11 14.97 13.62
C GLY A 791 41.11 14.43 12.61
N GLN A 792 39.95 15.07 12.49
CA GLN A 792 39.62 16.24 13.29
C GLN A 792 38.18 16.14 13.82
N TRP A 793 37.92 16.77 14.95
CA TRP A 793 36.59 16.76 15.55
C TRP A 793 35.73 17.85 14.91
N PHE A 794 34.55 17.45 14.44
CA PHE A 794 33.61 18.35 13.79
C PHE A 794 32.25 18.23 14.48
N HIS A 795 31.74 19.35 14.98
CA HIS A 795 30.44 19.38 15.62
C HIS A 795 29.35 19.21 14.58
N ILE A 796 28.36 18.36 14.89
CA ILE A 796 27.24 18.09 14.00
C ILE A 796 25.97 18.51 14.73
N SER A 797 25.21 19.41 14.10
CA SER A 797 23.89 19.83 14.58
C SER A 797 22.92 19.67 13.41
N ASP A 798 22.41 18.45 13.24
CA ASP A 798 21.54 18.12 12.11
C ASP A 798 22.20 18.50 10.80
N THR A 799 21.78 19.63 10.21
CA THR A 799 22.40 20.13 9.00
C THR A 799 23.59 21.05 9.28
N HIS A 800 23.82 21.42 10.53
CA HIS A 800 24.91 22.32 10.88
C HIS A 800 26.17 21.52 11.16
N VAL A 801 27.25 21.84 10.44
CA VAL A 801 28.55 21.20 10.61
C VAL A 801 29.53 22.28 11.05
N GLN A 802 30.16 22.07 12.21
CA GLN A 802 31.06 23.05 12.78
C GLN A 802 32.34 22.37 13.26
N ALA A 803 33.48 22.91 12.88
CA ALA A 803 34.75 22.40 13.37
C ALA A 803 34.97 22.81 14.81
N VAL A 804 35.34 21.83 15.64
CA VAL A 804 35.52 22.08 17.08
C VAL A 804 36.82 21.45 17.54
N PRO A 805 37.47 22.06 18.52
CA PRO A 805 38.67 21.46 19.11
C PRO A 805 38.32 20.29 20.01
N THR A 806 39.33 19.44 20.25
CA THR A 806 39.14 18.29 21.13
C THR A 806 38.79 18.73 22.55
N THR A 807 39.31 19.87 22.98
CA THR A 807 39.03 20.34 24.34
C THR A 807 37.53 20.61 24.52
N LYS A 808 36.89 21.23 23.53
CA LYS A 808 35.45 21.43 23.60
C LYS A 808 34.71 20.10 23.59
N VAL A 809 35.22 19.14 22.83
CA VAL A 809 34.61 17.80 22.82
C VAL A 809 34.66 17.19 24.20
N LEU A 810 35.81 17.30 24.88
CA LEU A 810 35.93 16.80 26.25
C LEU A 810 35.02 17.54 27.21
N ASN A 811 34.64 18.77 26.89
CA ASN A 811 33.75 19.57 27.73
C ASN A 811 32.29 19.39 27.38
N SER A 812 31.98 18.58 26.37
CA SER A 812 30.60 18.34 25.98
C SER A 812 29.89 17.43 26.97
N GLN A 813 28.55 17.53 27.00
CA GLN A 813 27.73 16.73 27.90
C GLN A 813 27.48 15.39 27.22
N ALA A 814 28.49 14.53 27.24
CA ALA A 814 28.45 13.29 26.48
C ALA A 814 27.38 12.35 27.02
N TYR A 815 26.75 11.61 26.11
CA TYR A 815 25.72 10.64 26.45
C TYR A 815 26.08 9.23 25.99
N LEU A 816 26.65 9.10 24.80
CA LEU A 816 27.11 7.82 24.27
C LEU A 816 28.56 7.95 23.83
N LEU A 817 29.33 6.89 24.05
CA LEU A 817 30.75 6.86 23.71
C LEU A 817 31.00 5.74 22.71
N PHE A 818 31.76 6.05 21.65
CA PHE A 818 32.15 5.09 20.64
C PHE A 818 33.66 5.04 20.55
N TYR A 819 34.24 3.85 20.73
CA TYR A 819 35.68 3.69 20.79
C TYR A 819 36.13 2.64 19.79
N GLU A 820 37.36 2.79 19.30
CA GLU A 820 37.88 1.98 18.21
C GLU A 820 39.06 1.14 18.67
N ARG A 821 39.13 -0.09 18.16
CA ARG A 821 40.25 -0.98 18.44
C ARG A 821 41.55 -0.39 17.89
N ILE A 822 42.56 -0.31 18.76
CA ILE A 822 43.86 0.21 18.38
C ILE A 822 44.93 -0.82 18.69
N LEU A 823 44.66 -1.67 19.67
CA LEU A 823 45.65 -2.67 20.11
C LEU A 823 44.98 -3.97 20.53
N LYS B 1 32.69 21.44 -43.85
CA LYS B 1 31.92 21.72 -42.65
C LYS B 1 30.76 20.75 -42.49
N PRO B 2 30.76 20.01 -41.38
CA PRO B 2 29.67 19.06 -41.12
C PRO B 2 28.35 19.78 -40.87
N HIS B 3 27.25 19.11 -41.22
CA HIS B 3 25.92 19.63 -41.03
C HIS B 3 25.30 19.00 -39.79
N ARG B 4 24.86 19.83 -38.86
CA ARG B 4 24.28 19.36 -37.60
C ARG B 4 22.98 20.09 -37.32
N TYR B 5 21.98 19.34 -36.90
CA TYR B 5 20.74 19.94 -36.42
C TYR B 5 20.93 20.53 -35.05
N ARG B 6 20.15 21.58 -34.74
CA ARG B 6 20.15 22.11 -33.40
C ARG B 6 19.57 21.09 -32.44
N PRO B 7 20.07 21.02 -31.20
CA PRO B 7 19.60 19.99 -30.27
C PRO B 7 18.12 20.13 -29.94
N GLY B 8 17.33 19.16 -30.39
CA GLY B 8 15.90 19.19 -30.14
C GLY B 8 15.07 18.97 -31.38
N THR B 9 15.54 19.45 -32.53
CA THR B 9 14.75 19.34 -33.75
C THR B 9 14.54 17.88 -34.16
N VAL B 10 15.63 17.09 -34.16
CA VAL B 10 15.48 15.68 -34.49
C VAL B 10 14.71 14.96 -33.39
N ALA B 11 14.80 15.45 -32.15
CA ALA B 11 13.99 14.88 -31.07
C ALA B 11 12.50 15.05 -31.37
N LEU B 12 12.09 16.25 -31.79
CA LEU B 12 10.70 16.46 -32.17
C LEU B 12 10.32 15.64 -33.40
N ARG B 13 11.23 15.54 -34.37
CA ARG B 13 10.94 14.76 -35.58
C ARG B 13 10.66 13.31 -35.23
N GLU B 14 11.51 12.71 -34.41
CA GLU B 14 11.30 11.31 -34.05
C GLU B 14 10.20 11.13 -33.03
N ILE B 15 9.86 12.17 -32.25
CA ILE B 15 8.65 12.11 -31.43
C ILE B 15 7.42 12.01 -32.32
N ARG B 16 7.36 12.83 -33.38
CA ARG B 16 6.26 12.74 -34.32
C ARG B 16 6.27 11.38 -35.03
N ARG B 17 7.47 10.87 -35.33
CA ARG B 17 7.58 9.56 -35.97
C ARG B 17 6.98 8.46 -35.10
N TYR B 18 7.35 8.45 -33.82
CA TYR B 18 6.91 7.38 -32.93
C TYR B 18 5.49 7.58 -32.40
N GLN B 19 4.94 8.79 -32.52
CA GLN B 19 3.55 9.03 -32.14
C GLN B 19 2.57 8.71 -33.27
N LYS B 20 3.07 8.48 -34.48
CA LYS B 20 2.21 8.14 -35.61
C LYS B 20 2.18 6.65 -35.90
N SER B 21 3.18 5.90 -35.45
CA SER B 21 3.30 4.49 -35.76
C SER B 21 2.88 3.64 -34.56
N THR B 22 2.74 2.34 -34.79
CA THR B 22 2.22 1.45 -33.76
C THR B 22 3.00 0.13 -33.64
N GLU B 23 4.26 0.09 -34.06
CA GLU B 23 5.03 -1.13 -33.90
C GLU B 23 5.44 -1.28 -32.43
N LEU B 24 6.27 -2.29 -32.16
CA LEU B 24 6.65 -2.62 -30.80
C LEU B 24 8.00 -1.98 -30.51
N LEU B 25 8.08 -1.24 -29.41
CA LEU B 25 9.28 -0.45 -29.10
C LEU B 25 10.28 -1.20 -28.23
N ILE B 26 9.98 -2.42 -27.80
CA ILE B 26 10.89 -3.21 -26.99
C ILE B 26 11.19 -4.50 -27.74
N ARG B 27 12.40 -5.02 -27.57
CA ARG B 27 12.85 -6.16 -28.36
C ARG B 27 12.34 -7.47 -27.78
N LYS B 28 11.92 -8.36 -28.69
CA LYS B 28 11.11 -9.52 -28.32
C LYS B 28 11.89 -10.49 -27.46
N LEU B 29 13.09 -10.87 -27.89
CA LEU B 29 13.87 -11.85 -27.15
C LEU B 29 14.27 -11.38 -25.77
N PRO B 30 14.85 -10.18 -25.59
CA PRO B 30 15.12 -9.73 -24.21
C PRO B 30 13.87 -9.58 -23.38
N PHE B 31 12.75 -9.16 -23.97
CA PHE B 31 11.53 -9.07 -23.18
C PHE B 31 11.08 -10.45 -22.70
N GLN B 32 11.15 -11.45 -23.58
CA GLN B 32 10.77 -12.80 -23.16
C GLN B 32 11.72 -13.32 -22.09
N ARG B 33 13.01 -13.04 -22.23
CA ARG B 33 13.97 -13.48 -21.23
C ARG B 33 13.66 -12.85 -19.88
N LEU B 34 13.35 -11.56 -19.86
CA LEU B 34 12.99 -10.89 -18.61
C LEU B 34 11.72 -11.49 -18.02
N VAL B 35 10.72 -11.75 -18.87
CA VAL B 35 9.46 -12.32 -18.38
C VAL B 35 9.71 -13.69 -17.76
N ARG B 36 10.49 -14.53 -18.44
CA ARG B 36 10.76 -15.86 -17.92
C ARG B 36 11.54 -15.79 -16.62
N GLU B 37 12.56 -14.93 -16.55
CA GLU B 37 13.33 -14.79 -15.32
C GLU B 37 12.46 -14.36 -14.16
N ILE B 38 11.59 -13.37 -14.38
CA ILE B 38 10.78 -12.88 -13.27
C ILE B 38 9.66 -13.86 -12.94
N ALA B 39 9.30 -14.72 -13.88
CA ALA B 39 8.30 -15.75 -13.61
C ALA B 39 8.89 -16.96 -12.90
N GLN B 40 10.20 -17.17 -12.99
CA GLN B 40 10.81 -18.29 -12.27
C GLN B 40 10.61 -18.18 -10.76
N ASP B 41 10.47 -16.97 -10.23
CA ASP B 41 10.31 -16.78 -8.80
C ASP B 41 8.98 -17.30 -8.26
N PHE B 42 8.01 -17.61 -9.13
CA PHE B 42 6.71 -18.07 -8.70
C PHE B 42 6.51 -19.57 -8.90
N LYS B 43 6.69 -20.06 -10.12
CA LYS B 43 6.57 -21.48 -10.39
C LYS B 43 7.75 -21.92 -11.24
N THR B 44 8.28 -23.09 -10.92
CA THR B 44 9.45 -23.61 -11.62
C THR B 44 9.09 -23.98 -13.06
N ASP B 45 10.06 -23.75 -13.96
CA ASP B 45 10.06 -24.17 -15.37
C ASP B 45 8.66 -24.14 -15.98
N LEU B 46 8.04 -22.96 -15.94
CA LEU B 46 6.78 -22.75 -16.62
C LEU B 46 6.98 -22.59 -18.12
N ARG B 47 5.88 -22.69 -18.86
CA ARG B 47 5.88 -22.50 -20.30
C ARG B 47 4.90 -21.39 -20.66
N PHE B 48 5.29 -20.58 -21.64
CA PHE B 48 4.53 -19.40 -22.02
C PHE B 48 4.05 -19.51 -23.45
N GLN B 49 2.93 -18.86 -23.73
CA GLN B 49 2.41 -18.75 -25.09
C GLN B 49 2.92 -17.48 -25.75
N SER B 50 3.12 -17.55 -27.06
CA SER B 50 3.55 -16.37 -27.81
C SER B 50 2.51 -15.26 -27.70
N SER B 51 1.23 -15.60 -27.82
CA SER B 51 0.18 -14.59 -27.66
C SER B 51 0.22 -13.99 -26.25
N ALA B 52 0.50 -14.82 -25.25
CA ALA B 52 0.57 -14.31 -23.87
C ALA B 52 1.71 -13.31 -23.72
N VAL B 53 2.88 -13.63 -24.27
CA VAL B 53 4.00 -12.70 -24.11
C VAL B 53 3.76 -11.44 -24.93
N MET B 54 3.08 -11.55 -26.08
CA MET B 54 2.73 -10.35 -26.82
C MET B 54 1.74 -9.48 -26.05
N ALA B 55 0.79 -10.09 -25.35
CA ALA B 55 -0.13 -9.33 -24.53
C ALA B 55 0.61 -8.63 -23.39
N LEU B 56 1.56 -9.32 -22.77
CA LEU B 56 2.38 -8.69 -21.74
C LEU B 56 3.17 -7.52 -22.31
N GLN B 57 3.73 -7.69 -23.51
CA GLN B 57 4.41 -6.60 -24.19
C GLN B 57 3.50 -5.41 -24.43
N GLU B 58 2.29 -5.66 -24.91
CA GLU B 58 1.33 -4.59 -25.15
C GLU B 58 1.03 -3.82 -23.87
N ALA B 59 0.73 -4.54 -22.79
CA ALA B 59 0.42 -3.88 -21.53
C ALA B 59 1.62 -3.11 -21.02
N CYS B 60 2.81 -3.67 -21.14
CA CYS B 60 4.03 -3.02 -20.66
C CYS B 60 4.22 -1.69 -21.37
N GLU B 61 4.16 -1.70 -22.70
CA GLU B 61 4.38 -0.48 -23.46
C GLU B 61 3.30 0.55 -23.17
N ALA B 62 2.04 0.11 -23.07
CA ALA B 62 0.96 1.06 -22.79
C ALA B 62 1.15 1.72 -21.42
N TYR B 63 1.46 0.92 -20.40
CA TYR B 63 1.66 1.46 -19.07
C TYR B 63 2.84 2.42 -19.02
N LEU B 64 3.94 2.05 -19.67
CA LEU B 64 5.11 2.93 -19.67
C LEU B 64 4.84 4.22 -20.42
N VAL B 65 4.09 4.15 -21.52
CA VAL B 65 3.77 5.37 -22.26
C VAL B 65 2.90 6.29 -21.42
N GLY B 66 1.89 5.73 -20.73
CA GLY B 66 1.07 6.56 -19.86
C GLY B 66 1.87 7.19 -18.74
N LEU B 67 2.76 6.42 -18.12
CA LEU B 67 3.59 6.96 -17.05
C LEU B 67 4.50 8.07 -17.57
N PHE B 68 5.05 7.89 -18.77
CA PHE B 68 5.90 8.92 -19.33
C PHE B 68 5.11 10.19 -19.65
N GLU B 69 3.89 10.05 -20.14
CA GLU B 69 3.07 11.24 -20.38
C GLU B 69 2.80 11.98 -19.09
N ASP B 70 2.44 11.25 -18.03
CA ASP B 70 2.18 11.90 -16.74
C ASP B 70 3.43 12.58 -16.19
N THR B 71 4.59 11.91 -16.29
CA THR B 71 5.80 12.50 -15.75
C THR B 71 6.26 13.70 -16.58
N ASN B 72 5.99 13.69 -17.89
CA ASN B 72 6.28 14.86 -18.70
C ASN B 72 5.39 16.03 -18.29
N LEU B 73 4.12 15.77 -18.03
CA LEU B 73 3.24 16.82 -17.52
C LEU B 73 3.76 17.37 -16.20
N CYS B 74 4.22 16.49 -15.31
CA CYS B 74 4.78 16.94 -14.03
C CYS B 74 6.00 17.83 -14.24
N ALA B 75 6.90 17.41 -15.14
CA ALA B 75 8.10 18.20 -15.39
C ALA B 75 7.76 19.57 -15.97
N ILE B 76 6.81 19.62 -16.91
CA ILE B 76 6.39 20.91 -17.45
C ILE B 76 5.77 21.77 -16.38
N HIS B 77 5.05 21.15 -15.45
CA HIS B 77 4.55 21.88 -14.28
C HIS B 77 5.70 22.47 -13.48
N ALA B 78 6.78 21.73 -13.34
CA ALA B 78 7.91 22.23 -12.56
C ALA B 78 8.69 23.33 -13.28
N LYS B 79 8.17 23.88 -14.37
CA LYS B 79 8.84 24.93 -15.14
C LYS B 79 10.18 24.44 -15.69
N ARG B 80 10.13 23.29 -16.36
CA ARG B 80 11.32 22.69 -16.96
C ARG B 80 10.88 21.69 -18.02
N VAL B 81 11.82 21.29 -18.86
CA VAL B 81 11.54 20.39 -19.97
C VAL B 81 12.27 19.06 -19.86
N THR B 82 13.20 18.91 -18.92
CA THR B 82 13.97 17.69 -18.76
C THR B 82 13.41 16.91 -17.56
N ILE B 83 13.04 15.65 -17.80
CA ILE B 83 12.48 14.84 -16.73
C ILE B 83 13.61 14.21 -15.92
N MET B 84 13.59 14.45 -14.61
CA MET B 84 14.45 13.76 -13.67
C MET B 84 13.61 12.83 -12.81
N PRO B 85 14.23 11.86 -12.14
CA PRO B 85 13.44 10.78 -11.51
C PRO B 85 12.39 11.25 -10.52
N LYS B 86 12.59 12.36 -9.82
CA LYS B 86 11.61 12.79 -8.81
C LYS B 86 10.23 12.97 -9.44
N ASP B 87 10.17 13.34 -10.71
CA ASP B 87 8.89 13.40 -11.41
C ASP B 87 8.23 12.02 -11.46
N ILE B 88 9.02 10.96 -11.59
CA ILE B 88 8.45 9.62 -11.62
C ILE B 88 7.79 9.29 -10.29
N GLN B 89 8.48 9.58 -9.17
CA GLN B 89 7.86 9.36 -7.87
C GLN B 89 6.60 10.20 -7.70
N LEU B 90 6.65 11.46 -8.14
CA LEU B 90 5.47 12.31 -8.03
C LEU B 90 4.29 11.70 -8.78
N ALA B 91 4.51 11.28 -10.02
CA ALA B 91 3.43 10.71 -10.81
C ALA B 91 2.92 9.41 -10.21
N ARG B 92 3.83 8.54 -9.76
CA ARG B 92 3.42 7.24 -9.26
C ARG B 92 2.72 7.34 -7.91
N ARG B 93 3.04 8.37 -7.12
CA ARG B 93 2.31 8.60 -5.88
C ARG B 93 0.96 9.29 -6.10
N ILE B 94 0.89 10.23 -7.04
CA ILE B 94 -0.39 10.89 -7.30
C ILE B 94 -1.37 9.91 -7.91
N ARG B 95 -0.87 9.01 -8.77
CA ARG B 95 -1.72 7.96 -9.32
C ARG B 95 -2.27 7.05 -8.23
N GLY B 96 -1.44 6.72 -7.25
CA GLY B 96 -1.83 5.86 -6.17
C GLY B 96 -1.15 4.50 -6.10
N GLU B 97 -0.13 4.26 -6.93
CA GLU B 97 0.62 3.01 -6.86
C GLU B 97 1.71 3.04 -5.81
N ARG B 98 1.90 4.16 -5.13
CA ARG B 98 2.93 4.28 -4.11
C ARG B 98 2.50 5.24 -3.01
N ARG C 1 19.36 -15.21 -16.01
CA ARG C 1 19.69 -14.19 -15.03
C ARG C 1 20.19 -12.93 -15.72
N ASP C 2 19.99 -11.79 -15.04
CA ASP C 2 20.41 -10.48 -15.54
C ASP C 2 19.81 -10.19 -16.91
N ASN C 3 18.48 -10.17 -16.95
CA ASN C 3 17.75 -9.83 -18.16
C ASN C 3 17.11 -8.45 -18.10
N ILE C 4 17.06 -7.83 -16.91
CA ILE C 4 16.52 -6.48 -16.81
C ILE C 4 17.40 -5.50 -17.59
N GLN C 5 18.69 -5.80 -17.72
CA GLN C 5 19.57 -4.98 -18.53
C GLN C 5 19.32 -5.15 -20.01
N GLY C 6 18.54 -6.16 -20.40
CA GLY C 6 18.12 -6.28 -21.79
C GLY C 6 17.17 -5.18 -22.22
N ILE C 7 16.57 -4.49 -21.26
CA ILE C 7 15.76 -3.30 -21.54
C ILE C 7 16.74 -2.19 -21.88
N THR C 8 16.85 -1.87 -23.17
CA THR C 8 17.94 -1.02 -23.62
C THR C 8 17.60 0.46 -23.44
N LYS C 9 18.68 1.24 -23.30
CA LYS C 9 18.54 2.70 -23.24
C LYS C 9 17.82 3.27 -24.45
N PRO C 10 18.18 2.93 -25.69
CA PRO C 10 17.39 3.43 -26.83
C PRO C 10 15.95 2.99 -26.80
N ALA C 11 15.65 1.80 -26.28
CA ALA C 11 14.26 1.39 -26.14
C ALA C 11 13.52 2.32 -25.17
N ILE C 12 14.17 2.66 -24.06
CA ILE C 12 13.55 3.61 -23.13
C ILE C 12 13.33 4.95 -23.80
N ARG C 13 14.31 5.42 -24.57
CA ARG C 13 14.14 6.70 -25.27
C ARG C 13 12.98 6.64 -26.25
N ARG C 14 12.87 5.54 -26.99
CA ARG C 14 11.78 5.41 -27.95
C ARG C 14 10.43 5.41 -27.25
N LEU C 15 10.33 4.69 -26.12
CA LEU C 15 9.08 4.66 -25.38
C LEU C 15 8.73 6.03 -24.84
N ALA C 16 9.71 6.74 -24.28
CA ALA C 16 9.46 8.06 -23.73
C ALA C 16 9.03 9.04 -24.82
N ARG C 17 9.65 8.96 -25.99
CA ARG C 17 9.27 9.86 -27.08
C ARG C 17 7.93 9.48 -27.70
N ARG C 18 7.54 8.20 -27.64
CA ARG C 18 6.16 7.87 -27.93
C ARG C 18 5.24 8.51 -26.90
N GLY C 19 5.71 8.64 -25.65
CA GLY C 19 5.00 9.39 -24.65
C GLY C 19 5.15 10.89 -24.78
N GLY C 20 5.99 11.36 -25.69
CA GLY C 20 6.10 12.78 -25.95
C GLY C 20 7.02 13.55 -25.03
N VAL C 21 8.24 13.05 -24.81
CA VAL C 21 9.22 13.69 -23.94
C VAL C 21 10.38 14.21 -24.78
N LYS C 22 10.75 15.46 -24.54
CA LYS C 22 11.83 16.08 -25.31
C LYS C 22 13.21 15.66 -24.80
N ARG C 23 13.51 15.97 -23.55
CA ARG C 23 14.82 15.70 -22.96
C ARG C 23 14.68 14.73 -21.80
N ILE C 24 15.56 13.73 -21.78
CA ILE C 24 15.52 12.68 -20.78
C ILE C 24 16.84 12.71 -20.01
N SER C 25 16.75 12.76 -18.69
CA SER C 25 17.94 12.70 -17.86
C SER C 25 18.54 11.30 -17.86
N GLY C 26 19.81 11.22 -17.46
CA GLY C 26 20.50 9.94 -17.43
C GLY C 26 20.05 9.03 -16.31
N LEU C 27 19.40 9.58 -15.29
CA LEU C 27 18.97 8.80 -14.13
C LEU C 27 17.62 8.12 -14.35
N ILE C 28 16.95 8.40 -15.47
CA ILE C 28 15.60 7.89 -15.69
C ILE C 28 15.62 6.38 -15.95
N TYR C 29 16.69 5.88 -16.57
CA TYR C 29 16.65 4.55 -17.18
C TYR C 29 16.51 3.45 -16.13
N GLU C 30 17.34 3.48 -15.09
CA GLU C 30 17.30 2.41 -14.09
C GLU C 30 15.97 2.42 -13.34
N GLU C 31 15.40 3.61 -13.11
CA GLU C 31 14.10 3.65 -12.46
C GLU C 31 12.99 3.16 -13.36
N THR C 32 13.08 3.40 -14.67
CA THR C 32 12.12 2.79 -15.58
C THR C 32 12.25 1.27 -15.54
N ARG C 33 13.48 0.76 -15.49
CA ARG C 33 13.69 -0.68 -15.31
C ARG C 33 12.99 -1.18 -14.06
N GLY C 34 13.18 -0.47 -12.94
CA GLY C 34 12.57 -0.91 -11.68
C GLY C 34 11.05 -0.87 -11.72
N VAL C 35 10.49 0.18 -12.31
CA VAL C 35 9.04 0.30 -12.41
C VAL C 35 8.48 -0.82 -13.27
N LEU C 36 9.14 -1.10 -14.40
CA LEU C 36 8.69 -2.19 -15.25
C LEU C 36 8.77 -3.53 -14.52
N LYS C 37 9.85 -3.74 -13.77
CA LYS C 37 9.98 -4.98 -13.00
C LYS C 37 8.86 -5.11 -11.98
N VAL C 38 8.53 -4.02 -11.29
CA VAL C 38 7.44 -4.05 -10.31
C VAL C 38 6.12 -4.37 -11.00
N PHE C 39 5.88 -3.78 -12.17
CA PHE C 39 4.66 -4.06 -12.92
C PHE C 39 4.59 -5.53 -13.30
N LEU C 40 5.71 -6.10 -13.73
CA LEU C 40 5.73 -7.53 -14.06
C LEU C 40 5.47 -8.40 -12.84
N GLU C 41 6.07 -8.05 -11.69
CA GLU C 41 5.75 -8.80 -10.47
C GLU C 41 4.26 -8.73 -10.16
N ASN C 42 3.66 -7.56 -10.33
CA ASN C 42 2.23 -7.43 -10.07
C ASN C 42 1.39 -8.27 -11.01
N VAL C 43 1.72 -8.31 -12.30
CA VAL C 43 0.86 -8.96 -13.29
C VAL C 43 1.11 -10.46 -13.36
N ILE C 44 2.37 -10.87 -13.50
CA ILE C 44 2.68 -12.28 -13.70
C ILE C 44 2.33 -13.10 -12.47
N ARG C 45 2.34 -12.48 -11.27
CA ARG C 45 1.87 -13.19 -10.09
C ARG C 45 0.45 -13.70 -10.29
N ASP C 46 -0.46 -12.81 -10.66
CA ASP C 46 -1.84 -13.19 -10.92
C ASP C 46 -1.95 -14.13 -12.11
N ALA C 47 -1.13 -13.90 -13.14
CA ALA C 47 -1.19 -14.77 -14.32
C ALA C 47 -0.83 -16.21 -13.96
N VAL C 48 0.25 -16.41 -13.21
CA VAL C 48 0.65 -17.76 -12.84
C VAL C 48 -0.33 -18.36 -11.84
N THR C 49 -0.93 -17.53 -10.99
CA THR C 49 -1.98 -18.05 -10.11
C THR C 49 -3.16 -18.57 -10.94
N TYR C 50 -3.56 -17.81 -11.95
CA TYR C 50 -4.64 -18.25 -12.83
C TYR C 50 -4.28 -19.55 -13.52
N THR C 51 -3.04 -19.67 -13.99
CA THR C 51 -2.62 -20.89 -14.68
C THR C 51 -2.66 -22.08 -13.74
N GLU C 52 -2.05 -21.96 -12.57
CA GLU C 52 -1.99 -23.08 -11.64
C GLU C 52 -3.36 -23.45 -11.10
N HIS C 53 -4.31 -22.52 -11.07
CA HIS C 53 -5.66 -22.88 -10.64
C HIS C 53 -6.29 -23.91 -11.58
N ALA C 54 -5.90 -23.91 -12.85
CA ALA C 54 -6.44 -24.83 -13.83
C ALA C 54 -5.64 -26.13 -13.93
N LYS C 55 -4.66 -26.34 -13.05
CA LYS C 55 -3.83 -27.53 -13.05
C LYS C 55 -3.11 -27.71 -14.38
N ARG C 56 -2.72 -26.60 -14.99
CA ARG C 56 -1.93 -26.62 -16.21
C ARG C 56 -0.77 -25.64 -16.05
N LYS C 57 0.41 -26.04 -16.52
CA LYS C 57 1.63 -25.27 -16.36
C LYS C 57 2.06 -24.57 -17.64
N THR C 58 1.11 -24.25 -18.52
CA THR C 58 1.36 -23.44 -19.70
C THR C 58 0.56 -22.15 -19.56
N VAL C 59 1.25 -21.01 -19.63
CA VAL C 59 0.62 -19.71 -19.46
C VAL C 59 0.00 -19.31 -20.79
N THR C 60 -1.33 -19.14 -20.79
CA THR C 60 -2.01 -18.72 -22.00
C THR C 60 -2.25 -17.21 -21.99
N ALA C 61 -2.59 -16.69 -23.18
CA ALA C 61 -2.89 -15.27 -23.29
C ALA C 61 -4.18 -14.91 -22.56
N MET C 62 -5.12 -15.84 -22.47
CA MET C 62 -6.37 -15.58 -21.78
C MET C 62 -6.12 -15.24 -20.31
N ASP C 63 -5.24 -16.00 -19.66
CA ASP C 63 -4.91 -15.74 -18.26
C ASP C 63 -4.25 -14.39 -18.08
N VAL C 64 -3.36 -14.02 -19.02
CA VAL C 64 -2.70 -12.71 -18.92
C VAL C 64 -3.71 -11.59 -19.08
N VAL C 65 -4.60 -11.71 -20.07
CA VAL C 65 -5.63 -10.68 -20.26
C VAL C 65 -6.51 -10.58 -19.03
N TYR C 66 -6.83 -11.71 -18.41
CA TYR C 66 -7.71 -11.69 -17.25
C TYR C 66 -7.02 -11.10 -16.02
N ALA C 67 -5.73 -11.41 -15.84
CA ALA C 67 -4.97 -10.78 -14.75
C ALA C 67 -4.85 -9.28 -14.97
N LEU C 68 -4.72 -8.86 -16.23
CA LEU C 68 -4.73 -7.44 -16.54
C LEU C 68 -6.07 -6.82 -16.18
N LYS C 69 -7.16 -7.50 -16.52
CA LYS C 69 -8.50 -6.96 -16.27
C LYS C 69 -8.75 -6.82 -14.78
N ARG C 70 -8.33 -7.78 -13.97
CA ARG C 70 -8.59 -7.69 -12.54
C ARG C 70 -7.81 -6.57 -11.86
N GLN C 71 -6.83 -5.98 -12.55
CA GLN C 71 -6.07 -4.86 -12.02
C GLN C 71 -6.54 -3.52 -12.59
N GLY C 72 -7.72 -3.47 -13.18
CA GLY C 72 -8.20 -2.25 -13.79
C GLY C 72 -7.39 -1.78 -14.97
N ARG C 73 -6.90 -2.72 -15.77
CA ARG C 73 -6.11 -2.40 -16.96
C ARG C 73 -6.58 -3.27 -18.13
N THR C 74 -7.88 -3.28 -18.36
CA THR C 74 -8.48 -4.14 -19.38
C THR C 74 -7.82 -3.91 -20.74
N LEU C 75 -7.50 -5.00 -21.42
CA LEU C 75 -6.80 -4.98 -22.69
C LEU C 75 -7.65 -5.65 -23.77
N TYR C 76 -7.73 -5.01 -24.92
CA TYR C 76 -8.50 -5.52 -26.06
C TYR C 76 -7.57 -6.09 -27.11
N GLY C 77 -8.08 -7.06 -27.86
CA GLY C 77 -7.35 -7.64 -28.97
C GLY C 77 -6.84 -9.05 -28.76
N PHE C 78 -7.26 -9.73 -27.70
CA PHE C 78 -6.82 -11.10 -27.47
C PHE C 78 -7.94 -12.03 -27.04
N GLY C 79 -9.20 -11.64 -27.21
CA GLY C 79 -10.32 -12.47 -26.81
C GLY C 79 -10.49 -12.54 -25.31
N ALA D 1 -34.35 -37.24 18.84
CA ALA D 1 -33.66 -38.46 19.25
C ALA D 1 -32.75 -38.96 18.13
N ARG D 2 -32.28 -38.04 17.29
CA ARG D 2 -31.40 -38.40 16.18
C ARG D 2 -29.93 -38.29 16.60
N ALA D 3 -29.50 -37.10 16.99
CA ALA D 3 -28.14 -36.81 17.42
C ALA D 3 -28.09 -35.39 17.93
N LYS D 4 -27.14 -35.12 18.81
CA LYS D 4 -26.93 -33.77 19.29
C LYS D 4 -26.32 -32.93 18.17
N ALA D 5 -27.12 -32.02 17.61
CA ALA D 5 -26.73 -31.28 16.43
C ALA D 5 -25.58 -30.34 16.76
N LYS D 6 -24.37 -30.71 16.35
CA LYS D 6 -23.21 -29.85 16.52
C LYS D 6 -23.13 -28.89 15.34
N THR D 7 -23.04 -27.60 15.64
CA THR D 7 -22.99 -26.60 14.58
C THR D 7 -21.70 -26.74 13.78
N ARG D 8 -21.78 -26.42 12.48
CA ARG D 8 -20.63 -26.59 11.61
C ARG D 8 -19.48 -25.68 12.00
N SER D 9 -19.77 -24.53 12.62
CA SER D 9 -18.71 -23.68 13.13
C SER D 9 -17.92 -24.39 14.22
N SER D 10 -18.61 -25.09 15.12
CA SER D 10 -17.91 -25.90 16.12
C SER D 10 -17.20 -27.09 15.49
N ARG D 11 -17.79 -27.67 14.44
CA ARG D 11 -17.13 -28.76 13.73
C ARG D 11 -15.79 -28.32 13.16
N ALA D 12 -15.75 -27.12 12.58
CA ALA D 12 -14.52 -26.56 12.04
C ALA D 12 -13.75 -25.76 13.08
N GLY D 13 -14.26 -25.64 14.29
CA GLY D 13 -13.59 -24.85 15.31
C GLY D 13 -13.48 -23.38 14.96
N LEU D 14 -14.55 -22.80 14.43
CA LEU D 14 -14.57 -21.41 14.03
C LEU D 14 -15.63 -20.64 14.81
N GLN D 15 -15.36 -19.37 15.04
CA GLN D 15 -16.33 -18.49 15.69
C GLN D 15 -17.34 -17.92 14.71
N PHE D 16 -16.89 -17.65 13.48
CA PHE D 16 -17.79 -17.16 12.45
C PHE D 16 -18.77 -18.25 12.02
N PRO D 17 -19.97 -17.88 11.59
CA PRO D 17 -20.96 -18.89 11.20
C PRO D 17 -20.60 -19.52 9.86
N VAL D 18 -20.91 -20.80 9.73
CA VAL D 18 -20.72 -21.50 8.47
C VAL D 18 -22.04 -21.64 7.71
N GLY D 19 -23.12 -21.97 8.42
CA GLY D 19 -24.41 -22.05 7.78
C GLY D 19 -24.86 -20.72 7.21
N ARG D 20 -24.58 -19.63 7.93
CA ARG D 20 -24.97 -18.30 7.46
C ARG D 20 -24.24 -17.94 6.17
N VAL D 21 -22.94 -18.19 6.11
CA VAL D 21 -22.20 -17.85 4.90
C VAL D 21 -22.57 -18.79 3.75
N HIS D 22 -22.88 -20.05 4.05
CA HIS D 22 -23.36 -20.96 3.01
C HIS D 22 -24.69 -20.46 2.44
N ARG D 23 -25.60 -20.03 3.32
CA ARG D 23 -26.88 -19.48 2.86
C ARG D 23 -26.67 -18.23 2.03
N LEU D 24 -25.74 -17.36 2.44
CA LEU D 24 -25.48 -16.15 1.68
C LEU D 24 -24.91 -16.48 0.31
N LEU D 25 -24.00 -17.45 0.22
CA LEU D 25 -23.48 -17.86 -1.07
C LEU D 25 -24.57 -18.44 -1.96
N ARG D 26 -25.44 -19.28 -1.38
CA ARG D 26 -26.47 -19.93 -2.18
C ARG D 26 -27.52 -18.93 -2.67
N LYS D 27 -28.02 -18.09 -1.77
CA LYS D 27 -29.05 -17.10 -2.11
C LYS D 27 -28.47 -15.84 -2.70
N GLY D 28 -27.17 -15.62 -2.60
CA GLY D 28 -26.54 -14.46 -3.19
C GLY D 28 -26.38 -14.51 -4.68
N ASN D 29 -26.72 -15.65 -5.29
CA ASN D 29 -26.69 -15.84 -6.73
C ASN D 29 -25.28 -15.63 -7.29
N TYR D 30 -24.35 -16.40 -6.74
CA TYR D 30 -22.98 -16.45 -7.23
C TYR D 30 -22.70 -17.70 -8.04
N SER D 31 -23.32 -18.83 -7.70
CA SER D 31 -23.23 -20.04 -8.50
C SER D 31 -24.49 -20.86 -8.26
N GLU D 32 -24.78 -21.75 -9.21
CA GLU D 32 -25.94 -22.62 -9.07
C GLU D 32 -25.75 -23.66 -8.00
N ARG D 33 -24.51 -24.04 -7.70
CA ARG D 33 -24.24 -25.01 -6.65
C ARG D 33 -22.90 -24.70 -6.00
N VAL D 34 -22.80 -24.99 -4.71
CA VAL D 34 -21.66 -24.61 -3.87
C VAL D 34 -21.12 -25.85 -3.18
N GLY D 35 -19.80 -25.99 -3.17
CA GLY D 35 -19.16 -27.11 -2.51
C GLY D 35 -19.31 -27.06 -1.01
N ALA D 36 -19.03 -28.21 -0.38
CA ALA D 36 -19.23 -28.34 1.05
C ALA D 36 -18.21 -27.53 1.85
N GLY D 37 -16.93 -27.62 1.48
CA GLY D 37 -15.90 -26.92 2.23
C GLY D 37 -15.76 -25.45 1.91
N ALA D 38 -16.47 -24.98 0.88
CA ALA D 38 -16.36 -23.57 0.51
C ALA D 38 -16.82 -22.61 1.61
N PRO D 39 -18.01 -22.77 2.22
CA PRO D 39 -18.37 -21.86 3.31
C PRO D 39 -17.41 -21.94 4.49
N VAL D 40 -16.89 -23.13 4.79
CA VAL D 40 -15.94 -23.27 5.89
C VAL D 40 -14.67 -22.48 5.60
N TYR D 41 -14.13 -22.62 4.38
CA TYR D 41 -12.94 -21.88 4.01
C TYR D 41 -13.18 -20.38 4.07
N LEU D 42 -14.31 -19.94 3.52
CA LEU D 42 -14.59 -18.50 3.51
C LEU D 42 -14.74 -17.96 4.92
N ALA D 43 -15.42 -18.69 5.80
CA ALA D 43 -15.56 -18.27 7.18
C ALA D 43 -14.20 -18.21 7.88
N ALA D 44 -13.32 -19.17 7.59
CA ALA D 44 -11.99 -19.14 8.18
C ALA D 44 -11.21 -17.91 7.75
N VAL D 45 -11.26 -17.58 6.46
CA VAL D 45 -10.54 -16.40 5.99
C VAL D 45 -11.11 -15.13 6.61
N LEU D 46 -12.44 -15.03 6.66
CA LEU D 46 -13.06 -13.85 7.25
C LEU D 46 -12.70 -13.72 8.73
N GLU D 47 -12.70 -14.84 9.45
CA GLU D 47 -12.34 -14.81 10.86
C GLU D 47 -10.89 -14.36 11.05
N TYR D 48 -9.98 -14.87 10.22
CA TYR D 48 -8.59 -14.45 10.34
C TYR D 48 -8.43 -12.97 10.06
N LEU D 49 -9.09 -12.46 9.01
CA LEU D 49 -8.98 -11.06 8.66
C LEU D 49 -9.52 -10.17 9.77
N THR D 50 -10.70 -10.48 10.28
CA THR D 50 -11.27 -9.66 11.35
C THR D 50 -10.46 -9.79 12.63
N ALA D 51 -9.83 -10.94 12.87
CA ALA D 51 -8.97 -11.09 14.04
C ALA D 51 -7.76 -10.17 13.93
N GLU D 52 -7.14 -10.12 12.75
CA GLU D 52 -6.01 -9.21 12.56
C GLU D 52 -6.44 -7.77 12.74
N ILE D 53 -7.59 -7.39 12.16
CA ILE D 53 -8.06 -6.02 12.27
C ILE D 53 -8.32 -5.66 13.73
N LEU D 54 -8.99 -6.55 14.47
CA LEU D 54 -9.31 -6.27 15.86
C LEU D 54 -8.06 -6.24 16.73
N GLU D 55 -7.09 -7.10 16.46
CA GLU D 55 -5.84 -7.08 17.21
C GLU D 55 -5.12 -5.76 17.02
N LEU D 56 -5.00 -5.32 15.76
CA LEU D 56 -4.34 -4.03 15.50
C LEU D 56 -5.10 -2.88 16.14
N ALA D 57 -6.44 -2.92 16.08
CA ALA D 57 -7.23 -1.87 16.71
C ALA D 57 -7.04 -1.86 18.22
N GLY D 58 -6.96 -3.04 18.82
CA GLY D 58 -6.74 -3.12 20.26
C GLY D 58 -5.38 -2.57 20.67
N ASN D 59 -4.33 -2.91 19.91
CA ASN D 59 -3.03 -2.33 20.20
C ASN D 59 -3.04 -0.81 20.04
N ALA D 60 -3.73 -0.32 19.01
CA ALA D 60 -3.83 1.13 18.82
C ALA D 60 -4.56 1.79 19.98
N ALA D 61 -5.65 1.18 20.45
CA ALA D 61 -6.40 1.73 21.57
C ALA D 61 -5.56 1.72 22.85
N ARG D 62 -4.82 0.64 23.08
CA ARG D 62 -3.93 0.60 24.24
C ARG D 62 -2.87 1.68 24.15
N ASP D 63 -2.33 1.92 22.95
CA ASP D 63 -1.37 3.00 22.77
C ASP D 63 -2.01 4.36 23.09
N ASN D 64 -3.31 4.50 22.86
CA ASN D 64 -4.02 5.71 23.21
C ASN D 64 -4.79 5.58 24.52
N LYS D 65 -4.57 4.50 25.26
CA LYS D 65 -5.05 4.30 26.63
C LYS D 65 -6.57 4.54 26.77
N LYS D 66 -7.32 4.01 25.80
CA LYS D 66 -8.76 3.84 25.91
C LYS D 66 -9.10 2.37 25.83
N THR D 67 -10.13 1.97 26.57
CA THR D 67 -10.57 0.58 26.65
C THR D 67 -11.62 0.23 25.61
N ARG D 68 -12.05 1.19 24.80
CA ARG D 68 -13.05 0.94 23.77
C ARG D 68 -12.47 1.31 22.40
N ILE D 69 -12.74 0.46 21.42
CA ILE D 69 -12.25 0.67 20.05
C ILE D 69 -13.24 1.56 19.32
N ILE D 70 -12.73 2.62 18.70
CA ILE D 70 -13.58 3.58 18.00
C ILE D 70 -13.10 3.70 16.55
N PRO D 71 -13.86 4.34 15.66
CA PRO D 71 -13.42 4.46 14.26
C PRO D 71 -12.05 5.10 14.08
N ARG D 72 -11.65 6.02 14.97
CA ARG D 72 -10.29 6.55 14.88
C ARG D 72 -9.26 5.45 15.08
N HIS D 73 -9.47 4.58 16.07
CA HIS D 73 -8.56 3.46 16.28
C HIS D 73 -8.59 2.50 15.09
N LEU D 74 -9.77 2.27 14.52
CA LEU D 74 -9.85 1.41 13.35
C LEU D 74 -9.06 1.99 12.18
N GLN D 75 -9.21 3.30 11.95
CA GLN D 75 -8.47 3.97 10.88
C GLN D 75 -6.96 3.86 11.10
N LEU D 76 -6.52 4.13 12.33
CA LEU D 76 -5.08 4.08 12.62
C LEU D 76 -4.55 2.66 12.42
N ALA D 77 -5.27 1.66 12.92
CA ALA D 77 -4.82 0.29 12.78
C ALA D 77 -4.75 -0.13 11.32
N ILE D 78 -5.76 0.25 10.53
CA ILE D 78 -5.77 -0.11 9.12
C ILE D 78 -4.61 0.55 8.38
N ARG D 79 -4.38 1.83 8.64
CA ARG D 79 -3.44 2.59 7.82
C ARG D 79 -1.99 2.44 8.23
N ASN D 80 -1.69 2.29 9.52
CA ASN D 80 -0.29 2.12 9.92
C ASN D 80 0.30 0.84 9.36
N ASP D 81 -0.51 -0.23 9.29
CA ASP D 81 -0.09 -1.44 8.60
C ASP D 81 -0.19 -1.22 7.10
N GLU D 82 0.96 -1.19 6.43
CA GLU D 82 0.98 -0.96 4.99
C GLU D 82 0.24 -2.05 4.22
N GLU D 83 0.25 -3.28 4.71
CA GLU D 83 -0.45 -4.36 4.03
C GLU D 83 -1.96 -4.16 4.07
N LEU D 84 -2.51 -3.86 5.25
CA LEU D 84 -3.94 -3.58 5.33
C LEU D 84 -4.29 -2.30 4.60
N ASN D 85 -3.38 -1.32 4.57
CA ASN D 85 -3.61 -0.11 3.80
C ASN D 85 -3.74 -0.43 2.31
N LYS D 86 -2.86 -1.29 1.79
CA LYS D 86 -2.97 -1.72 0.40
C LYS D 86 -4.25 -2.48 0.16
N LEU D 87 -4.65 -3.34 1.11
CA LEU D 87 -5.89 -4.09 0.96
C LEU D 87 -7.11 -3.18 0.94
N LEU D 88 -7.08 -2.08 1.70
CA LEU D 88 -8.22 -1.18 1.83
C LEU D 88 -7.82 0.24 1.46
N GLY D 89 -7.12 0.39 0.34
CA GLY D 89 -6.66 1.70 -0.07
C GLY D 89 -7.72 2.61 -0.65
N ARG D 90 -8.84 2.05 -1.10
CA ARG D 90 -9.93 2.82 -1.69
C ARG D 90 -11.14 2.87 -0.75
N VAL D 91 -10.89 2.86 0.56
CA VAL D 91 -11.95 2.85 1.57
C VAL D 91 -11.83 4.11 2.41
N THR D 92 -12.97 4.77 2.61
CA THR D 92 -13.06 5.92 3.50
C THR D 92 -13.95 5.55 4.68
N ILE D 93 -13.45 5.78 5.89
CA ILE D 93 -14.13 5.38 7.11
C ILE D 93 -14.64 6.63 7.82
N ALA D 94 -15.93 6.64 8.13
CA ALA D 94 -16.54 7.78 8.80
C ALA D 94 -15.91 7.98 10.18
N GLN D 95 -15.69 9.24 10.53
CA GLN D 95 -14.97 9.62 11.76
C GLN D 95 -13.62 8.92 11.83
N GLY D 96 -12.96 8.81 10.69
CA GLY D 96 -11.67 8.15 10.64
C GLY D 96 -10.50 9.12 10.72
N GLY D 97 -10.67 10.30 10.13
CA GLY D 97 -9.59 11.26 10.13
C GLY D 97 -8.46 10.84 9.21
N VAL D 98 -7.30 11.46 9.44
CA VAL D 98 -6.11 11.22 8.64
C VAL D 98 -4.94 11.03 9.60
N LEU D 99 -3.90 10.34 9.11
CA LEU D 99 -2.73 10.08 9.92
C LEU D 99 -1.99 11.38 10.22
N PRO D 100 -1.49 11.55 11.43
CA PRO D 100 -0.73 12.77 11.73
C PRO D 100 0.64 12.74 11.07
N ASN D 101 0.81 13.53 10.01
CA ASN D 101 2.10 13.67 9.36
C ASN D 101 2.22 15.05 8.71
N ILE D 102 3.45 15.55 8.66
CA ILE D 102 3.76 16.85 8.05
C ILE D 102 5.04 16.68 7.25
N GLN D 103 5.04 17.18 6.03
CA GLN D 103 6.22 17.07 5.18
C GLN D 103 7.39 17.84 5.79
N ALA D 104 8.59 17.27 5.67
CA ALA D 104 9.75 17.83 6.34
C ALA D 104 10.07 19.24 5.85
N VAL D 105 9.71 19.56 4.61
CA VAL D 105 9.95 20.90 4.09
C VAL D 105 9.17 21.93 4.90
N LEU D 106 7.92 21.60 5.24
CA LEU D 106 7.10 22.52 6.02
C LEU D 106 7.66 22.76 7.42
N LEU D 107 8.43 21.81 7.94
CA LEU D 107 8.98 21.96 9.27
C LEU D 107 9.96 23.13 9.32
N PRO D 108 10.00 23.85 10.43
CA PRO D 108 10.95 24.97 10.55
C PRO D 108 12.34 24.50 10.95
N LYS D 109 13.33 25.31 10.61
CA LYS D 109 14.70 24.99 10.95
C LYS D 109 14.90 25.12 12.45
N CYS D 110 15.93 24.43 12.96
CA CYS D 110 16.24 24.44 14.38
C CYS D 110 17.75 24.63 14.56
N THR D 111 18.14 24.93 15.79
CA THR D 111 19.55 25.14 16.11
C THR D 111 19.85 24.62 17.51
N ARG E 1 -42.18 -4.89 11.09
CA ARG E 1 -41.30 -5.53 12.06
C ARG E 1 -40.37 -6.53 11.38
N SER E 2 -39.51 -6.03 10.50
CA SER E 2 -38.59 -6.89 9.77
C SER E 2 -37.51 -7.43 10.69
N ARG E 3 -36.82 -8.47 10.21
CA ARG E 3 -35.76 -9.14 10.96
C ARG E 3 -34.43 -8.80 10.29
N LYS E 4 -33.52 -8.23 11.07
CA LYS E 4 -32.26 -7.73 10.51
C LYS E 4 -31.12 -8.70 10.83
N GLU E 5 -30.20 -8.84 9.88
CA GLU E 5 -29.10 -9.78 9.97
C GLU E 5 -27.77 -9.05 9.89
N SER E 6 -26.82 -9.47 10.73
CA SER E 6 -25.51 -8.84 10.77
C SER E 6 -24.50 -9.81 11.38
N TYR E 7 -23.24 -9.39 11.41
CA TYR E 7 -22.15 -10.18 11.97
C TYR E 7 -21.74 -9.73 13.36
N SER E 8 -22.56 -8.90 14.02
CA SER E 8 -22.13 -8.23 15.24
C SER E 8 -21.77 -9.23 16.33
N VAL E 9 -22.57 -10.29 16.49
CA VAL E 9 -22.31 -11.26 17.55
C VAL E 9 -20.97 -11.94 17.33
N TYR E 10 -20.70 -12.38 16.11
CA TYR E 10 -19.45 -13.07 15.83
C TYR E 10 -18.26 -12.15 15.95
N VAL E 11 -18.41 -10.89 15.53
CA VAL E 11 -17.33 -9.92 15.70
C VAL E 11 -17.04 -9.72 17.19
N TYR E 12 -18.09 -9.64 18.01
CA TYR E 12 -17.88 -9.49 19.44
C TYR E 12 -17.19 -10.71 20.03
N LYS E 13 -17.56 -11.91 19.58
CA LYS E 13 -16.90 -13.11 20.08
C LYS E 13 -15.42 -13.13 19.70
N VAL E 14 -15.09 -12.75 18.47
CA VAL E 14 -13.69 -12.68 18.06
C VAL E 14 -12.95 -11.64 18.87
N LEU E 15 -13.59 -10.51 19.14
CA LEU E 15 -12.95 -9.47 19.94
C LEU E 15 -12.68 -9.95 21.35
N LYS E 16 -13.64 -10.66 21.96
CA LYS E 16 -13.40 -11.22 23.28
C LYS E 16 -12.30 -12.26 23.26
N GLN E 17 -12.21 -13.04 22.18
CA GLN E 17 -11.14 -14.03 22.07
C GLN E 17 -9.76 -13.39 21.94
N VAL E 18 -9.63 -12.30 21.19
CA VAL E 18 -8.32 -11.71 20.94
C VAL E 18 -7.93 -10.77 22.08
N HIS E 19 -8.83 -9.88 22.49
CA HIS E 19 -8.63 -9.01 23.65
C HIS E 19 -9.74 -9.28 24.66
N PRO E 20 -9.45 -10.03 25.72
CA PRO E 20 -10.52 -10.42 26.67
C PRO E 20 -11.17 -9.25 27.36
N ASP E 21 -10.49 -8.12 27.50
CA ASP E 21 -11.02 -7.01 28.30
C ASP E 21 -11.03 -5.70 27.53
N THR E 22 -11.54 -5.72 26.31
CA THR E 22 -11.63 -4.52 25.49
C THR E 22 -13.02 -4.40 24.89
N GLY E 23 -13.60 -3.20 24.96
CA GLY E 23 -14.90 -2.94 24.40
C GLY E 23 -14.83 -2.44 22.97
N ILE E 24 -16.01 -2.11 22.44
CA ILE E 24 -16.12 -1.63 21.06
C ILE E 24 -17.37 -0.76 20.96
N SER E 25 -17.26 0.33 20.20
CA SER E 25 -18.38 1.22 20.00
C SER E 25 -19.38 0.63 19.02
N SER E 26 -20.62 1.12 19.09
CA SER E 26 -21.64 0.71 18.14
C SER E 26 -21.28 1.15 16.73
N LYS E 27 -20.74 2.36 16.59
CA LYS E 27 -20.32 2.83 15.27
C LYS E 27 -19.21 1.97 14.71
N ALA E 28 -18.24 1.59 15.55
CA ALA E 28 -17.16 0.72 15.09
C ALA E 28 -17.70 -0.64 14.67
N MET E 29 -18.74 -1.12 15.36
CA MET E 29 -19.33 -2.40 14.98
C MET E 29 -19.94 -2.34 13.58
N GLY E 30 -20.61 -1.23 13.26
CA GLY E 30 -21.13 -1.07 11.91
C GLY E 30 -20.04 -1.04 10.87
N ILE E 31 -18.92 -0.39 11.18
CA ILE E 31 -17.79 -0.36 10.26
C ILE E 31 -17.23 -1.76 10.04
N MET E 32 -17.11 -2.53 11.13
CA MET E 32 -16.65 -3.91 11.01
C MET E 32 -17.61 -4.74 10.18
N ASN E 33 -18.91 -4.54 10.38
CA ASN E 33 -19.90 -5.26 9.59
C ASN E 33 -19.76 -4.93 8.10
N SER E 34 -19.62 -3.64 7.78
CA SER E 34 -19.46 -3.25 6.39
C SER E 34 -18.19 -3.83 5.80
N PHE E 35 -17.10 -3.85 6.57
CA PHE E 35 -15.86 -4.44 6.10
C PHE E 35 -16.02 -5.93 5.81
N VAL E 36 -16.71 -6.64 6.71
CA VAL E 36 -16.93 -8.07 6.51
C VAL E 36 -17.75 -8.31 5.27
N ASN E 37 -18.83 -7.54 5.08
CA ASN E 37 -19.65 -7.70 3.88
C ASN E 37 -18.84 -7.41 2.62
N ASP E 38 -18.03 -6.36 2.65
CA ASP E 38 -17.25 -6.01 1.46
C ASP E 38 -16.26 -7.11 1.12
N ILE E 39 -15.55 -7.63 2.11
CA ILE E 39 -14.59 -8.70 1.84
C ILE E 39 -15.31 -9.95 1.34
N PHE E 40 -16.45 -10.28 1.95
CA PHE E 40 -17.21 -11.44 1.52
C PHE E 40 -17.66 -11.29 0.07
N GLU E 41 -18.15 -10.11 -0.29
CA GLU E 41 -18.58 -9.89 -1.67
C GLU E 41 -17.41 -9.99 -2.63
N ARG E 42 -16.26 -9.41 -2.27
CA ARG E 42 -15.09 -9.50 -3.14
C ARG E 42 -14.69 -10.95 -3.38
N ILE E 43 -14.57 -11.72 -2.30
CA ILE E 43 -14.11 -13.11 -2.44
C ILE E 43 -15.14 -13.94 -3.21
N ALA E 44 -16.43 -13.76 -2.90
CA ALA E 44 -17.46 -14.53 -3.59
C ALA E 44 -17.50 -14.20 -5.07
N GLY E 45 -17.41 -12.90 -5.40
CA GLY E 45 -17.38 -12.52 -6.80
C GLY E 45 -16.18 -13.08 -7.53
N GLU E 46 -15.01 -13.04 -6.90
CA GLU E 46 -13.82 -13.61 -7.52
C GLU E 46 -13.96 -15.12 -7.72
N ALA E 47 -14.52 -15.82 -6.74
CA ALA E 47 -14.68 -17.27 -6.86
C ALA E 47 -15.67 -17.62 -7.97
N SER E 48 -16.80 -16.93 -8.03
CA SER E 48 -17.76 -17.17 -9.11
C SER E 48 -17.16 -16.82 -10.46
N ARG E 49 -16.36 -15.76 -10.50
CA ARG E 49 -15.65 -15.40 -11.72
C ARG E 49 -14.73 -16.54 -12.16
N LEU E 50 -13.94 -17.09 -11.24
CA LEU E 50 -13.08 -18.22 -11.56
C LEU E 50 -13.89 -19.40 -12.07
N ALA E 51 -15.03 -19.67 -11.43
CA ALA E 51 -15.87 -20.80 -11.86
C ALA E 51 -16.34 -20.62 -13.30
N HIS E 52 -16.76 -19.41 -13.65
CA HIS E 52 -17.15 -19.17 -15.04
C HIS E 52 -15.95 -19.21 -15.98
N TYR E 53 -14.79 -18.79 -15.48
CA TYR E 53 -13.56 -18.76 -16.28
C TYR E 53 -13.12 -20.16 -16.68
N ASN E 54 -13.13 -21.10 -15.75
CA ASN E 54 -12.67 -22.45 -16.02
C ASN E 54 -13.79 -23.36 -16.53
N LYS E 55 -14.85 -22.79 -17.07
CA LYS E 55 -16.01 -23.54 -17.57
C LYS E 55 -16.59 -24.46 -16.50
N ARG E 56 -16.37 -24.10 -15.24
CA ARG E 56 -16.82 -24.90 -14.12
C ARG E 56 -18.21 -24.47 -13.66
N SER E 57 -18.85 -25.31 -12.87
CA SER E 57 -20.20 -25.06 -12.40
C SER E 57 -20.34 -25.02 -10.89
N THR E 58 -19.31 -25.41 -10.14
CA THR E 58 -19.38 -25.48 -8.70
C THR E 58 -18.22 -24.72 -8.08
N ILE E 59 -18.49 -23.99 -7.01
CA ILE E 59 -17.45 -23.30 -6.25
C ILE E 59 -17.04 -24.22 -5.10
N THR E 60 -15.77 -24.61 -5.09
CA THR E 60 -15.20 -25.45 -4.05
C THR E 60 -14.15 -24.65 -3.27
N SER E 61 -13.44 -25.33 -2.37
CA SER E 61 -12.42 -24.67 -1.58
C SER E 61 -11.28 -24.17 -2.45
N ARG E 62 -11.00 -24.83 -3.58
CA ARG E 62 -9.89 -24.42 -4.44
C ARG E 62 -10.13 -23.03 -5.03
N GLU E 63 -11.36 -22.77 -5.49
CA GLU E 63 -11.66 -21.47 -6.07
C GLU E 63 -11.54 -20.36 -5.03
N ILE E 64 -12.00 -20.61 -3.80
CA ILE E 64 -11.86 -19.60 -2.76
C ILE E 64 -10.39 -19.42 -2.39
N GLN E 65 -9.60 -20.49 -2.39
CA GLN E 65 -8.17 -20.36 -2.15
C GLN E 65 -7.54 -19.45 -3.21
N THR E 66 -7.85 -19.71 -4.48
CA THR E 66 -7.30 -18.89 -5.55
C THR E 66 -7.76 -17.44 -5.43
N ALA E 67 -9.02 -17.23 -5.05
CA ALA E 67 -9.54 -15.88 -4.88
C ALA E 67 -8.80 -15.15 -3.76
N VAL E 68 -8.51 -15.87 -2.67
CA VAL E 68 -7.74 -15.27 -1.58
C VAL E 68 -6.34 -14.90 -2.06
N ARG E 69 -5.70 -15.77 -2.82
CA ARG E 69 -4.37 -15.44 -3.34
C ARG E 69 -4.42 -14.22 -4.24
N LEU E 70 -5.46 -14.12 -5.07
CA LEU E 70 -5.57 -12.96 -5.97
C LEU E 70 -5.85 -11.67 -5.21
N LEU E 71 -6.75 -11.72 -4.22
CA LEU E 71 -7.16 -10.50 -3.55
C LEU E 71 -6.15 -10.08 -2.47
N LEU E 72 -5.96 -10.92 -1.47
CA LEU E 72 -4.99 -10.64 -0.42
C LEU E 72 -3.59 -10.93 -0.92
N PRO E 73 -2.66 -9.99 -0.86
CA PRO E 73 -1.28 -10.28 -1.25
C PRO E 73 -0.41 -10.67 -0.06
N GLY E 74 0.73 -11.29 -0.37
CA GLY E 74 1.79 -11.48 0.60
C GLY E 74 1.45 -12.26 1.85
N GLU E 75 1.81 -11.70 3.01
CA GLU E 75 1.69 -12.44 4.26
C GLU E 75 0.23 -12.69 4.63
N LEU E 76 -0.67 -11.77 4.27
CA LEU E 76 -2.08 -12.01 4.53
C LEU E 76 -2.56 -13.25 3.79
N ALA E 77 -2.22 -13.37 2.51
CA ALA E 77 -2.58 -14.57 1.76
C ALA E 77 -1.91 -15.80 2.34
N LYS E 78 -0.64 -15.65 2.68
CA LYS E 78 0.13 -16.76 3.23
C LYS E 78 -0.52 -17.35 4.47
N HIS E 79 -0.95 -16.49 5.39
CA HIS E 79 -1.59 -16.94 6.61
C HIS E 79 -3.04 -17.39 6.37
N ALA E 80 -3.74 -16.70 5.47
CA ALA E 80 -5.15 -17.02 5.24
C ALA E 80 -5.32 -18.38 4.59
N VAL E 81 -4.44 -18.73 3.65
CA VAL E 81 -4.54 -20.06 3.03
C VAL E 81 -4.27 -21.14 4.06
N SER E 82 -3.31 -20.92 4.97
CA SER E 82 -3.04 -21.89 6.02
C SER E 82 -4.25 -22.04 6.94
N GLU E 83 -4.86 -20.92 7.33
CA GLU E 83 -6.02 -20.98 8.20
C GLU E 83 -7.18 -21.72 7.52
N GLY E 84 -7.43 -21.41 6.25
CA GLY E 84 -8.49 -22.09 5.54
C GLY E 84 -8.25 -23.57 5.39
N THR E 85 -7.01 -23.96 5.05
CA THR E 85 -6.68 -25.37 4.91
C THR E 85 -6.84 -26.11 6.22
N LYS E 86 -6.36 -25.53 7.32
CA LYS E 86 -6.50 -26.21 8.61
C LYS E 86 -7.96 -26.31 9.02
N ALA E 87 -8.75 -25.26 8.76
CA ALA E 87 -10.16 -25.31 9.11
C ALA E 87 -10.90 -26.37 8.30
N VAL E 88 -10.65 -26.44 7.00
CA VAL E 88 -11.34 -27.44 6.18
C VAL E 88 -10.87 -28.84 6.54
N THR E 89 -9.59 -29.00 6.88
CA THR E 89 -9.10 -30.31 7.32
C THR E 89 -9.79 -30.74 8.61
N LYS E 90 -9.93 -29.82 9.57
CA LYS E 90 -10.62 -30.15 10.80
C LYS E 90 -12.08 -30.49 10.53
N TYR E 91 -12.74 -29.75 9.65
CA TYR E 91 -14.13 -30.02 9.33
C TYR E 91 -14.29 -31.39 8.70
N THR E 92 -13.41 -31.74 7.77
CA THR E 92 -13.47 -33.06 7.15
C THR E 92 -13.20 -34.17 8.16
N SER E 93 -12.23 -33.96 9.05
CA SER E 93 -11.90 -34.99 10.04
C SER E 93 -13.01 -35.19 11.06
N ALA E 94 -13.71 -34.11 11.45
CA ALA E 94 -14.79 -34.22 12.43
C ALA E 94 -15.99 -34.94 11.84
N PRO F 2 4.02 43.81 22.32
CA PRO F 2 2.92 42.85 22.33
C PRO F 2 3.31 41.49 21.75
N HIS F 3 2.79 40.42 22.33
CA HIS F 3 3.08 39.09 21.84
C HIS F 3 2.50 38.89 20.45
N ARG F 4 3.27 38.25 19.57
CA ARG F 4 2.86 38.07 18.18
C ARG F 4 3.57 36.86 17.61
N TYR F 5 2.81 35.87 17.14
CA TYR F 5 3.40 34.70 16.51
C TYR F 5 3.77 35.03 15.07
N ARG F 6 5.00 34.71 14.69
CA ARG F 6 5.41 34.89 13.31
C ARG F 6 4.66 33.90 12.41
N PRO F 7 4.40 34.26 11.16
CA PRO F 7 3.58 33.40 10.31
C PRO F 7 4.21 32.03 10.10
N GLY F 8 3.37 31.00 10.11
CA GLY F 8 3.83 29.64 9.90
C GLY F 8 3.62 28.74 11.10
N THR F 9 3.87 29.26 12.30
CA THR F 9 3.74 28.44 13.51
C THR F 9 2.29 28.13 13.85
N VAL F 10 1.41 29.13 13.77
CA VAL F 10 -0.01 28.87 14.01
C VAL F 10 -0.56 27.94 12.95
N ALA F 11 -0.09 28.07 11.71
CA ALA F 11 -0.47 27.14 10.67
C ALA F 11 -0.05 25.72 11.01
N LEU F 12 1.18 25.56 11.52
CA LEU F 12 1.66 24.24 11.92
C LEU F 12 0.82 23.66 13.04
N ARG F 13 0.47 24.49 14.03
CA ARG F 13 -0.34 23.97 15.13
C ARG F 13 -1.74 23.61 14.65
N GLU F 14 -2.29 24.38 13.70
CA GLU F 14 -3.58 24.00 13.13
C GLU F 14 -3.49 22.67 12.38
N ILE F 15 -2.39 22.47 11.65
CA ILE F 15 -2.22 21.20 10.94
C ILE F 15 -2.17 20.04 11.93
N ARG F 16 -1.33 20.17 12.95
CA ARG F 16 -1.19 19.07 13.91
C ARG F 16 -2.44 18.90 14.78
N ARG F 17 -3.30 19.92 14.85
CA ARG F 17 -4.54 19.78 15.59
C ARG F 17 -5.62 19.11 14.75
N TYR F 18 -5.84 19.61 13.53
CA TYR F 18 -6.87 19.05 12.67
C TYR F 18 -6.51 17.67 12.15
N GLN F 19 -5.23 17.31 12.11
CA GLN F 19 -4.85 15.95 11.78
C GLN F 19 -5.07 14.99 12.94
N LYS F 20 -5.41 15.51 14.12
CA LYS F 20 -5.69 14.67 15.28
C LYS F 20 -7.18 14.47 15.52
N SER F 21 -8.01 15.43 15.16
CA SER F 21 -9.44 15.37 15.40
C SER F 21 -10.14 14.68 14.23
N THR F 22 -11.45 14.47 14.38
CA THR F 22 -12.24 13.78 13.37
C THR F 22 -13.61 14.37 13.10
N GLU F 23 -13.95 15.51 13.69
CA GLU F 23 -15.29 16.05 13.49
C GLU F 23 -15.43 16.61 12.08
N LEU F 24 -16.65 17.04 11.76
CA LEU F 24 -16.97 17.54 10.43
C LEU F 24 -16.47 18.97 10.30
N LEU F 25 -15.68 19.25 9.26
CA LEU F 25 -15.11 20.58 9.11
C LEU F 25 -15.96 21.51 8.25
N ILE F 26 -17.01 21.01 7.64
CA ILE F 26 -17.90 21.82 6.80
C ILE F 26 -19.23 21.97 7.53
N ARG F 27 -19.77 23.18 7.53
CA ARG F 27 -21.01 23.45 8.25
C ARG F 27 -22.18 22.72 7.62
N LYS F 28 -22.93 22.01 8.48
CA LYS F 28 -23.93 21.06 8.00
C LYS F 28 -25.06 21.75 7.25
N LEU F 29 -25.53 22.88 7.76
CA LEU F 29 -26.66 23.55 7.11
C LEU F 29 -26.32 24.08 5.73
N PRO F 30 -25.22 24.84 5.52
CA PRO F 30 -24.89 25.22 4.14
C PRO F 30 -24.55 24.04 3.26
N PHE F 31 -23.92 23.00 3.80
CA PHE F 31 -23.67 21.81 2.97
C PHE F 31 -24.99 21.19 2.51
N GLN F 32 -25.97 21.11 3.41
CA GLN F 32 -27.27 20.58 3.05
C GLN F 32 -27.96 21.43 1.99
N ARG F 33 -27.88 22.76 2.14
CA ARG F 33 -28.47 23.63 1.13
C ARG F 33 -27.80 23.42 -0.22
N LEU F 34 -26.48 23.30 -0.24
CA LEU F 34 -25.75 23.08 -1.48
C LEU F 34 -26.17 21.78 -2.14
N VAL F 35 -26.20 20.68 -1.38
CA VAL F 35 -26.55 19.40 -1.98
C VAL F 35 -28.00 19.40 -2.43
N ARG F 36 -28.88 20.09 -1.70
CA ARG F 36 -30.27 20.17 -2.10
C ARG F 36 -30.46 20.94 -3.40
N GLU F 37 -29.73 22.04 -3.61
CA GLU F 37 -29.85 22.71 -4.90
C GLU F 37 -29.17 21.95 -6.02
N ILE F 38 -28.10 21.21 -5.74
CA ILE F 38 -27.47 20.42 -6.78
C ILE F 38 -28.37 19.27 -7.20
N ALA F 39 -29.10 18.67 -6.27
CA ALA F 39 -30.07 17.63 -6.63
C ALA F 39 -31.31 18.19 -7.29
N GLN F 40 -31.48 19.52 -7.31
CA GLN F 40 -32.72 20.10 -7.81
C GLN F 40 -32.93 19.85 -9.30
N ASP F 41 -31.89 19.99 -10.11
CA ASP F 41 -32.05 19.91 -11.56
C ASP F 41 -32.13 18.48 -12.06
N PHE F 42 -31.75 17.50 -11.26
CA PHE F 42 -31.90 16.09 -11.64
C PHE F 42 -33.35 15.65 -11.53
N LYS F 43 -34.02 16.05 -10.45
CA LYS F 43 -35.43 15.76 -10.26
C LYS F 43 -35.97 16.74 -9.23
N THR F 44 -37.27 17.02 -9.31
CA THR F 44 -37.87 18.03 -8.44
C THR F 44 -38.20 17.45 -7.06
N ASP F 45 -38.34 18.35 -6.10
CA ASP F 45 -38.83 18.16 -4.73
C ASP F 45 -38.45 16.81 -4.12
N LEU F 46 -37.16 16.50 -4.09
CA LEU F 46 -36.69 15.29 -3.43
C LEU F 46 -36.68 15.47 -1.91
N ARG F 47 -36.50 14.35 -1.21
CA ARG F 47 -36.33 14.32 0.22
C ARG F 47 -35.03 13.60 0.55
N PHE F 48 -34.34 14.05 1.58
CA PHE F 48 -33.05 13.49 1.95
C PHE F 48 -33.05 13.03 3.40
N GLN F 49 -32.42 11.89 3.64
CA GLN F 49 -32.21 11.42 5.00
C GLN F 49 -30.99 12.10 5.61
N SER F 50 -31.06 12.34 6.92
CA SER F 50 -29.93 12.93 7.62
C SER F 50 -28.70 12.05 7.50
N SER F 51 -28.88 10.73 7.58
CA SER F 51 -27.77 9.82 7.40
C SER F 51 -27.19 9.94 5.99
N ALA F 52 -28.04 10.08 4.99
CA ALA F 52 -27.55 10.24 3.62
C ALA F 52 -26.74 11.52 3.46
N VAL F 53 -27.22 12.62 4.03
CA VAL F 53 -26.49 13.88 3.94
C VAL F 53 -25.16 13.78 4.67
N MET F 54 -25.16 13.12 5.84
CA MET F 54 -23.91 12.94 6.58
C MET F 54 -22.92 12.09 5.79
N ALA F 55 -23.40 11.04 5.13
CA ALA F 55 -22.52 10.22 4.31
C ALA F 55 -21.95 11.02 3.16
N LEU F 56 -22.78 11.84 2.52
CA LEU F 56 -22.30 12.71 1.45
C LEU F 56 -21.21 13.65 1.95
N GLN F 57 -21.41 14.24 3.13
CA GLN F 57 -20.43 15.18 3.65
C GLN F 57 -19.13 14.47 4.01
N GLU F 58 -19.24 13.28 4.60
CA GLU F 58 -18.05 12.47 4.87
C GLU F 58 -17.27 12.19 3.59
N ALA F 59 -17.96 11.75 2.54
CA ALA F 59 -17.30 11.44 1.29
C ALA F 59 -16.63 12.67 0.69
N CYS F 60 -17.35 13.80 0.69
CA CYS F 60 -16.80 15.02 0.11
C CYS F 60 -15.56 15.48 0.87
N GLU F 61 -15.60 15.41 2.20
CA GLU F 61 -14.46 15.86 2.98
C GLU F 61 -13.26 14.92 2.80
N ALA F 62 -13.51 13.61 2.75
CA ALA F 62 -12.41 12.68 2.51
C ALA F 62 -11.78 12.91 1.15
N TYR F 63 -12.62 13.12 0.13
CA TYR F 63 -12.11 13.40 -1.21
C TYR F 63 -11.28 14.68 -1.23
N LEU F 64 -11.77 15.73 -0.57
CA LEU F 64 -11.05 16.99 -0.56
C LEU F 64 -9.74 16.89 0.21
N VAL F 65 -9.73 16.13 1.31
CA VAL F 65 -8.49 15.94 2.06
C VAL F 65 -7.46 15.19 1.23
N GLY F 66 -7.90 14.14 0.53
CA GLY F 66 -6.98 13.43 -0.35
C GLY F 66 -6.45 14.32 -1.46
N LEU F 67 -7.32 15.13 -2.06
CA LEU F 67 -6.88 16.04 -3.11
C LEU F 67 -5.91 17.07 -2.57
N PHE F 68 -6.13 17.55 -1.34
CA PHE F 68 -5.23 18.53 -0.76
C PHE F 68 -3.87 17.91 -0.44
N GLU F 69 -3.84 16.66 0.01
CA GLU F 69 -2.57 15.98 0.19
C GLU F 69 -1.83 15.85 -1.14
N ASP F 70 -2.56 15.46 -2.19
CA ASP F 70 -1.94 15.32 -3.50
C ASP F 70 -1.37 16.66 -3.99
N THR F 71 -2.14 17.74 -3.83
CA THR F 71 -1.67 19.04 -4.29
C THR F 71 -0.54 19.58 -3.42
N ASN F 72 -0.48 19.22 -2.13
CA ASN F 72 0.66 19.59 -1.32
C ASN F 72 1.92 18.91 -1.81
N LEU F 73 1.83 17.61 -2.12
CA LEU F 73 2.98 16.93 -2.72
C LEU F 73 3.37 17.56 -4.05
N CYS F 74 2.39 17.93 -4.86
CA CYS F 74 2.70 18.55 -6.15
C CYS F 74 3.42 19.87 -5.96
N ALA F 75 2.94 20.71 -5.05
CA ALA F 75 3.57 22.00 -4.80
C ALA F 75 4.98 21.84 -4.26
N ILE F 76 5.19 20.86 -3.38
CA ILE F 76 6.53 20.60 -2.88
C ILE F 76 7.44 20.16 -4.01
N HIS F 77 6.93 19.30 -4.91
CA HIS F 77 7.68 18.93 -6.10
C HIS F 77 8.04 20.16 -6.93
N ALA F 78 7.16 21.15 -6.97
CA ALA F 78 7.42 22.38 -7.70
C ALA F 78 8.37 23.32 -6.95
N LYS F 79 9.05 22.82 -5.91
CA LYS F 79 10.02 23.59 -5.13
C LYS F 79 9.38 24.83 -4.50
N ARG F 80 8.12 24.73 -4.12
CA ARG F 80 7.39 25.79 -3.45
C ARG F 80 6.88 25.30 -2.10
N VAL F 81 6.27 26.21 -1.36
CA VAL F 81 5.69 25.88 -0.05
C VAL F 81 4.24 26.34 -0.07
N THR F 82 3.89 27.19 -1.03
CA THR F 82 2.54 27.69 -1.19
C THR F 82 1.87 26.95 -2.34
N ILE F 83 0.70 26.38 -2.08
CA ILE F 83 -0.03 25.68 -3.13
C ILE F 83 -0.77 26.70 -3.99
N MET F 84 -0.95 26.36 -5.25
CA MET F 84 -1.64 27.19 -6.23
C MET F 84 -2.55 26.30 -7.06
N PRO F 85 -3.57 26.88 -7.70
CA PRO F 85 -4.55 26.03 -8.40
C PRO F 85 -3.95 25.18 -9.51
N LYS F 86 -2.81 25.59 -10.08
CA LYS F 86 -2.17 24.78 -11.12
C LYS F 86 -1.86 23.38 -10.61
N ASP F 87 -1.39 23.29 -9.36
CA ASP F 87 -1.21 21.99 -8.73
C ASP F 87 -2.54 21.23 -8.66
N ILE F 88 -3.64 21.95 -8.43
CA ILE F 88 -4.94 21.29 -8.33
C ILE F 88 -5.29 20.61 -9.65
N GLN F 89 -5.21 21.35 -10.77
CA GLN F 89 -5.60 20.66 -12.00
C GLN F 89 -4.55 19.66 -12.44
N LEU F 90 -3.28 19.81 -12.04
CA LEU F 90 -2.32 18.75 -12.34
C LEU F 90 -2.66 17.47 -11.60
N ALA F 91 -3.02 17.57 -10.32
CA ALA F 91 -3.43 16.38 -9.57
C ALA F 91 -4.67 15.76 -10.19
N ARG F 92 -5.63 16.60 -10.59
CA ARG F 92 -6.83 16.08 -11.25
C ARG F 92 -6.47 15.37 -12.55
N ARG F 93 -5.56 15.94 -13.33
CA ARG F 93 -5.17 15.33 -14.60
C ARG F 93 -4.50 13.98 -14.40
N ILE F 94 -3.57 13.90 -13.44
CA ILE F 94 -2.88 12.64 -13.22
C ILE F 94 -3.84 11.59 -12.68
N ARG F 95 -4.71 11.97 -11.76
CA ARG F 95 -5.63 10.96 -11.23
C ARG F 95 -6.74 10.61 -12.20
N GLY F 96 -6.69 11.08 -13.46
CA GLY F 96 -7.67 10.70 -14.45
C GLY F 96 -9.02 11.35 -14.30
N GLU F 97 -9.12 12.38 -13.47
CA GLU F 97 -10.39 13.05 -13.25
C GLU F 97 -10.70 14.11 -14.31
N ARG F 98 -9.75 14.40 -15.18
CA ARG F 98 -9.96 15.41 -16.22
C ARG F 98 -9.01 15.19 -17.39
N ARG G 1 -30.05 29.51 -4.80
CA ARG G 1 -28.65 29.37 -5.18
C ARG G 1 -27.74 30.03 -4.14
N ASP G 2 -26.52 30.35 -4.57
CA ASP G 2 -25.56 31.12 -3.77
C ASP G 2 -25.03 30.31 -2.59
N ASN G 3 -25.56 29.09 -2.38
CA ASN G 3 -25.07 28.28 -1.28
C ASN G 3 -23.69 27.70 -1.55
N ILE G 4 -23.23 27.73 -2.81
CA ILE G 4 -21.85 27.35 -3.09
C ILE G 4 -20.89 28.29 -2.38
N GLN G 5 -21.29 29.55 -2.18
CA GLN G 5 -20.53 30.45 -1.34
C GLN G 5 -20.63 30.11 0.13
N GLY G 6 -21.57 29.23 0.51
CA GLY G 6 -21.64 28.77 1.88
C GLY G 6 -20.47 27.92 2.29
N ILE G 7 -19.75 27.35 1.32
CA ILE G 7 -18.51 26.63 1.61
C ILE G 7 -17.44 27.68 1.82
N THR G 8 -17.23 28.07 3.07
CA THR G 8 -16.55 29.31 3.38
C THR G 8 -15.03 29.18 3.29
N LYS G 9 -14.38 30.34 3.23
CA LYS G 9 -12.92 30.40 3.27
C LYS G 9 -12.33 29.72 4.48
N PRO G 10 -12.79 29.94 5.72
CA PRO G 10 -12.25 29.17 6.84
C PRO G 10 -12.48 27.67 6.72
N ALA G 11 -13.60 27.25 6.15
CA ALA G 11 -13.84 25.82 5.97
C ALA G 11 -12.83 25.21 5.01
N ILE G 12 -12.60 25.87 3.87
CA ILE G 12 -11.57 25.40 2.94
C ILE G 12 -10.20 25.42 3.60
N ARG G 13 -9.93 26.46 4.39
CA ARG G 13 -8.64 26.57 5.04
C ARG G 13 -8.39 25.42 6.00
N ARG G 14 -9.40 25.08 6.82
CA ARG G 14 -9.21 24.00 7.78
C ARG G 14 -9.20 22.64 7.09
N LEU G 15 -9.92 22.49 5.98
CA LEU G 15 -9.78 21.27 5.19
C LEU G 15 -8.36 21.11 4.67
N ALA G 16 -7.78 22.19 4.16
CA ALA G 16 -6.39 22.13 3.71
C ALA G 16 -5.44 21.87 4.87
N ARG G 17 -5.74 22.43 6.04
CA ARG G 17 -4.91 22.18 7.22
C ARG G 17 -4.94 20.70 7.59
N ARG G 18 -6.11 20.07 7.56
CA ARG G 18 -6.18 18.64 7.80
C ARG G 18 -5.42 17.87 6.72
N GLY G 19 -5.52 18.31 5.48
CA GLY G 19 -4.75 17.69 4.41
C GLY G 19 -3.26 17.86 4.55
N GLY G 20 -2.82 18.86 5.31
CA GLY G 20 -1.42 19.10 5.55
C GLY G 20 -0.81 20.25 4.77
N VAL G 21 -1.55 21.32 4.54
CA VAL G 21 -1.08 22.44 3.73
C VAL G 21 -0.60 23.56 4.65
N LYS G 22 0.60 24.07 4.38
CA LYS G 22 1.15 25.14 5.19
C LYS G 22 0.43 26.46 4.94
N ARG G 23 0.48 26.95 3.70
CA ARG G 23 -0.18 28.20 3.34
C ARG G 23 -0.88 28.03 1.98
N ILE G 24 -1.95 28.79 1.80
CA ILE G 24 -2.83 28.65 0.66
C ILE G 24 -2.92 29.99 -0.06
N SER G 25 -2.76 29.96 -1.38
CA SER G 25 -2.95 31.16 -2.19
C SER G 25 -4.43 31.50 -2.28
N GLY G 26 -4.71 32.78 -2.57
CA GLY G 26 -6.08 33.26 -2.55
C GLY G 26 -6.91 32.85 -3.75
N LEU G 27 -6.31 32.24 -4.76
CA LEU G 27 -7.03 31.83 -5.97
C LEU G 27 -7.56 30.41 -5.87
N ILE G 28 -7.42 29.76 -4.73
CA ILE G 28 -7.76 28.34 -4.59
C ILE G 28 -9.15 28.21 -3.99
N TYR G 29 -9.59 29.23 -3.26
CA TYR G 29 -10.93 29.18 -2.67
C TYR G 29 -12.01 29.12 -3.73
N GLU G 30 -11.74 29.65 -4.92
CA GLU G 30 -12.69 29.60 -6.03
C GLU G 30 -12.55 28.33 -6.87
N GLU G 31 -11.49 27.55 -6.65
CA GLU G 31 -11.27 26.30 -7.38
C GLU G 31 -11.70 25.07 -6.60
N THR G 32 -11.45 25.06 -5.29
CA THR G 32 -11.87 23.94 -4.47
C THR G 32 -13.38 23.78 -4.47
N ARG G 33 -14.12 24.89 -4.38
CA ARG G 33 -15.56 24.79 -4.44
C ARG G 33 -16.05 24.30 -5.81
N GLY G 34 -15.39 24.70 -6.90
CA GLY G 34 -15.76 24.18 -8.21
C GLY G 34 -15.54 22.69 -8.35
N VAL G 35 -14.37 22.21 -7.94
CA VAL G 35 -14.09 20.78 -8.06
C VAL G 35 -14.98 19.98 -7.11
N LEU G 36 -15.25 20.54 -5.93
CA LEU G 36 -16.17 19.90 -4.99
C LEU G 36 -17.55 19.80 -5.59
N LYS G 37 -18.03 20.88 -6.21
CA LYS G 37 -19.32 20.86 -6.88
C LYS G 37 -19.37 19.79 -7.96
N VAL G 38 -18.29 19.68 -8.75
CA VAL G 38 -18.23 18.67 -9.80
C VAL G 38 -18.39 17.28 -9.20
N PHE G 39 -17.69 17.02 -8.10
CA PHE G 39 -17.87 15.75 -7.38
C PHE G 39 -19.33 15.56 -6.98
N LEU G 40 -19.99 16.64 -6.57
CA LEU G 40 -21.39 16.54 -6.18
C LEU G 40 -22.30 16.13 -7.34
N GLU G 41 -22.16 16.76 -8.52
CA GLU G 41 -23.07 16.27 -9.57
C GLU G 41 -22.63 14.91 -10.09
N ASN G 42 -21.39 14.51 -9.83
CA ASN G 42 -21.00 13.14 -10.14
C ASN G 42 -21.70 12.14 -9.24
N VAL G 43 -21.86 12.47 -7.95
CA VAL G 43 -22.39 11.51 -6.99
C VAL G 43 -23.92 11.53 -6.95
N ILE G 44 -24.52 12.70 -6.75
CA ILE G 44 -25.97 12.75 -6.57
C ILE G 44 -26.70 12.35 -7.85
N ARG G 45 -26.08 12.48 -9.03
CA ARG G 45 -26.73 11.95 -10.23
C ARG G 45 -27.00 10.46 -10.10
N ASP G 46 -25.98 9.69 -9.69
CA ASP G 46 -26.16 8.26 -9.48
C ASP G 46 -27.11 7.99 -8.31
N ALA G 47 -27.03 8.80 -7.26
CA ALA G 47 -27.93 8.61 -6.13
C ALA G 47 -29.39 8.75 -6.55
N VAL G 48 -29.70 9.82 -7.29
CA VAL G 48 -31.08 10.05 -7.68
C VAL G 48 -31.54 9.04 -8.73
N THR G 49 -30.64 8.55 -9.58
CA THR G 49 -31.10 7.50 -10.48
C THR G 49 -31.36 6.19 -9.76
N TYR G 50 -30.59 5.88 -8.71
CA TYR G 50 -30.95 4.76 -7.84
C TYR G 50 -32.32 4.96 -7.23
N THR G 51 -32.58 6.14 -6.68
CA THR G 51 -33.87 6.39 -6.05
C THR G 51 -35.01 6.27 -7.06
N GLU G 52 -34.80 6.82 -8.26
CA GLU G 52 -35.83 6.74 -9.30
C GLU G 52 -36.10 5.30 -9.70
N HIS G 53 -35.05 4.50 -9.86
CA HIS G 53 -35.27 3.09 -10.18
C HIS G 53 -35.95 2.36 -9.05
N ALA G 54 -35.73 2.79 -7.80
CA ALA G 54 -36.39 2.17 -6.66
C ALA G 54 -37.81 2.66 -6.45
N LYS G 55 -38.34 3.50 -7.34
CA LYS G 55 -39.68 4.06 -7.24
C LYS G 55 -39.87 4.85 -5.95
N ARG G 56 -38.81 5.44 -5.42
CA ARG G 56 -38.84 6.11 -4.14
C ARG G 56 -38.70 7.62 -4.33
N LYS G 57 -39.37 8.36 -3.45
CA LYS G 57 -39.35 9.82 -3.50
C LYS G 57 -38.20 10.43 -2.69
N THR G 58 -37.55 9.66 -1.82
CA THR G 58 -36.49 10.17 -0.97
C THR G 58 -35.18 9.47 -1.29
N VAL G 59 -34.09 10.11 -0.89
CA VAL G 59 -32.73 9.60 -1.11
C VAL G 59 -32.26 8.96 0.19
N THR G 60 -31.76 7.73 0.08
CA THR G 60 -31.36 6.96 1.25
C THR G 60 -29.85 6.86 1.36
N ALA G 61 -29.39 6.66 2.60
CA ALA G 61 -27.97 6.43 2.85
C ALA G 61 -27.46 5.20 2.10
N MET G 62 -28.31 4.16 1.97
CA MET G 62 -27.96 3.04 1.11
C MET G 62 -27.62 3.52 -0.29
N ASP G 63 -28.50 4.32 -0.89
CA ASP G 63 -28.28 4.79 -2.26
C ASP G 63 -27.01 5.60 -2.35
N VAL G 64 -26.77 6.48 -1.37
CA VAL G 64 -25.57 7.31 -1.41
C VAL G 64 -24.31 6.46 -1.34
N VAL G 65 -24.24 5.55 -0.36
CA VAL G 65 -23.02 4.76 -0.17
C VAL G 65 -22.81 3.83 -1.36
N TYR G 66 -23.90 3.33 -1.95
CA TYR G 66 -23.76 2.38 -3.04
C TYR G 66 -23.37 3.07 -4.35
N ALA G 67 -23.89 4.27 -4.60
CA ALA G 67 -23.41 5.08 -5.71
C ALA G 67 -21.96 5.46 -5.50
N LEU G 68 -21.55 5.68 -4.25
CA LEU G 68 -20.14 5.87 -3.96
C LEU G 68 -19.34 4.63 -4.32
N LYS G 69 -19.87 3.46 -3.98
CA LYS G 69 -19.17 2.20 -4.25
C LYS G 69 -18.95 1.99 -5.74
N ARG G 70 -19.95 2.30 -6.57
CA ARG G 70 -19.76 2.08 -8.00
C ARG G 70 -18.72 3.02 -8.61
N GLN G 71 -18.29 4.05 -7.89
CA GLN G 71 -17.23 4.94 -8.36
C GLN G 71 -15.88 4.65 -7.71
N GLY G 72 -15.75 3.52 -7.03
CA GLY G 72 -14.48 3.20 -6.39
C GLY G 72 -14.17 4.01 -5.15
N ARG G 73 -15.19 4.52 -4.46
CA ARG G 73 -15.04 5.32 -3.25
C ARG G 73 -15.87 4.72 -2.13
N THR G 74 -15.68 3.42 -1.88
CA THR G 74 -16.48 2.71 -0.89
C THR G 74 -16.41 3.38 0.47
N LEU G 75 -17.55 3.43 1.14
CA LEU G 75 -17.70 4.10 2.43
C LEU G 75 -18.09 3.10 3.50
N TYR G 76 -17.42 3.17 4.65
CA TYR G 76 -17.72 2.34 5.80
C TYR G 76 -18.33 3.19 6.89
N GLY G 77 -19.35 2.66 7.55
CA GLY G 77 -19.95 3.36 8.68
C GLY G 77 -21.40 3.75 8.45
N PHE G 78 -21.94 3.36 7.30
CA PHE G 78 -23.33 3.68 6.98
C PHE G 78 -24.09 2.48 6.44
N GLY G 79 -23.58 1.26 6.59
CA GLY G 79 -24.25 0.09 6.08
C GLY G 79 -24.04 -0.12 4.59
N ALA H 1 -45.41 -26.73 -39.75
CA ALA H 1 -46.62 -26.19 -40.37
C ALA H 1 -47.31 -25.21 -39.43
N ARG H 2 -46.59 -24.77 -38.40
CA ARG H 2 -47.13 -23.82 -37.43
C ARG H 2 -47.16 -22.41 -37.99
N ALA H 3 -45.98 -21.87 -38.30
CA ALA H 3 -45.79 -20.55 -38.87
C ALA H 3 -44.30 -20.39 -39.18
N LYS H 4 -43.99 -19.42 -40.04
CA LYS H 4 -42.60 -19.14 -40.33
C LYS H 4 -41.92 -18.52 -39.12
N ALA H 5 -40.79 -19.09 -38.71
CA ALA H 5 -40.10 -18.66 -37.50
C ALA H 5 -39.42 -17.32 -37.77
N LYS H 6 -39.90 -16.26 -37.12
CA LYS H 6 -39.28 -14.95 -37.19
C LYS H 6 -38.42 -14.75 -35.94
N THR H 7 -37.13 -14.51 -36.14
CA THR H 7 -36.23 -14.29 -35.02
C THR H 7 -36.60 -13.00 -34.30
N ARG H 8 -36.31 -12.98 -32.99
CA ARG H 8 -36.66 -11.82 -32.18
C ARG H 8 -35.89 -10.58 -32.61
N SER H 9 -34.69 -10.76 -33.16
CA SER H 9 -33.96 -9.61 -33.69
C SER H 9 -34.72 -8.96 -34.84
N SER H 10 -35.27 -9.77 -35.74
CA SER H 10 -36.12 -9.23 -36.80
C SER H 10 -37.43 -8.69 -36.25
N ARG H 11 -37.94 -9.28 -35.16
CA ARG H 11 -39.12 -8.73 -34.52
C ARG H 11 -38.88 -7.31 -34.02
N ALA H 12 -37.71 -7.07 -33.43
CA ALA H 12 -37.35 -5.76 -32.93
C ALA H 12 -36.61 -4.92 -33.96
N GLY H 13 -36.42 -5.44 -35.17
CA GLY H 13 -35.73 -4.70 -36.20
C GLY H 13 -34.27 -4.42 -35.87
N LEU H 14 -33.57 -5.43 -35.37
CA LEU H 14 -32.18 -5.29 -34.98
C LEU H 14 -31.34 -6.35 -35.69
N GLN H 15 -30.04 -6.04 -35.84
CA GLN H 15 -29.08 -6.97 -36.41
C GLN H 15 -28.41 -7.84 -35.36
N PHE H 16 -28.20 -7.30 -34.16
CA PHE H 16 -27.66 -8.09 -33.08
C PHE H 16 -28.69 -9.12 -32.61
N PRO H 17 -28.24 -10.27 -32.11
CA PRO H 17 -29.18 -11.33 -31.74
C PRO H 17 -29.86 -11.02 -30.41
N VAL H 18 -31.11 -11.45 -30.32
CA VAL H 18 -31.84 -11.36 -29.06
C VAL H 18 -31.81 -12.69 -28.32
N GLY H 19 -31.98 -13.80 -29.04
CA GLY H 19 -31.94 -15.10 -28.39
C GLY H 19 -30.59 -15.40 -27.78
N ARG H 20 -29.50 -15.05 -28.47
CA ARG H 20 -28.18 -15.29 -27.93
C ARG H 20 -27.90 -14.43 -26.70
N VAL H 21 -28.37 -13.18 -26.73
CA VAL H 21 -28.22 -12.32 -25.55
C VAL H 21 -29.00 -12.89 -24.39
N HIS H 22 -30.21 -13.39 -24.65
CA HIS H 22 -31.01 -14.01 -23.59
C HIS H 22 -30.31 -15.24 -23.03
N ARG H 23 -29.73 -16.06 -23.91
CA ARG H 23 -29.00 -17.25 -23.44
C ARG H 23 -27.81 -16.84 -22.59
N LEU H 24 -27.07 -15.82 -23.01
CA LEU H 24 -25.91 -15.38 -22.23
C LEU H 24 -26.33 -14.82 -20.88
N LEU H 25 -27.44 -14.07 -20.84
CA LEU H 25 -27.94 -13.58 -19.57
C LEU H 25 -28.36 -14.73 -18.66
N ARG H 26 -29.02 -15.74 -19.22
CA ARG H 26 -29.49 -16.87 -18.41
C ARG H 26 -28.33 -17.70 -17.88
N LYS H 27 -27.39 -18.06 -18.75
CA LYS H 27 -26.24 -18.87 -18.37
C LYS H 27 -25.10 -18.05 -17.80
N GLY H 28 -25.20 -16.72 -17.83
CA GLY H 28 -24.17 -15.87 -17.28
C GLY H 28 -24.20 -15.71 -15.79
N ASN H 29 -25.14 -16.37 -15.12
CA ASN H 29 -25.23 -16.39 -13.67
C ASN H 29 -25.46 -14.98 -13.11
N TYR H 30 -26.55 -14.37 -13.56
CA TYR H 30 -26.97 -13.05 -13.11
C TYR H 30 -28.28 -13.09 -12.34
N SER H 31 -29.30 -13.76 -12.86
CA SER H 31 -30.55 -13.95 -12.14
C SER H 31 -31.17 -15.26 -12.61
N GLU H 32 -32.02 -15.83 -11.75
CA GLU H 32 -32.67 -17.09 -12.09
C GLU H 32 -33.76 -16.88 -13.14
N ARG H 33 -34.29 -15.66 -13.24
CA ARG H 33 -35.30 -15.35 -14.24
C ARG H 33 -35.00 -13.99 -14.85
N VAL H 34 -35.17 -13.91 -16.17
CA VAL H 34 -34.85 -12.71 -16.94
C VAL H 34 -36.10 -12.28 -17.70
N GLY H 35 -36.43 -11.00 -17.63
CA GLY H 35 -37.60 -10.50 -18.31
C GLY H 35 -37.47 -10.58 -19.83
N ALA H 36 -38.62 -10.51 -20.49
CA ALA H 36 -38.64 -10.64 -21.95
C ALA H 36 -37.96 -9.47 -22.63
N GLY H 37 -38.19 -8.25 -22.14
CA GLY H 37 -37.66 -7.08 -22.80
C GLY H 37 -36.20 -6.78 -22.53
N ALA H 38 -35.62 -7.40 -21.50
CA ALA H 38 -34.22 -7.13 -21.16
C ALA H 38 -33.25 -7.50 -22.28
N PRO H 39 -33.32 -8.70 -22.88
CA PRO H 39 -32.39 -8.99 -23.99
C PRO H 39 -32.57 -8.06 -25.17
N VAL H 40 -33.80 -7.66 -25.46
CA VAL H 40 -34.03 -6.74 -26.58
C VAL H 40 -33.40 -5.38 -26.29
N TYR H 41 -33.60 -4.87 -25.07
CA TYR H 41 -33.00 -3.59 -24.71
C TYR H 41 -31.48 -3.66 -24.77
N LEU H 42 -30.90 -4.74 -24.24
CA LEU H 42 -29.44 -4.87 -24.23
C LEU H 42 -28.90 -4.98 -25.65
N ALA H 43 -29.56 -5.75 -26.50
CA ALA H 43 -29.12 -5.87 -27.89
C ALA H 43 -29.20 -4.54 -28.61
N ALA H 44 -30.27 -3.77 -28.38
CA ALA H 44 -30.38 -2.45 -28.99
C ALA H 44 -29.25 -1.53 -28.52
N VAL H 45 -28.95 -1.56 -27.23
CA VAL H 45 -27.87 -0.71 -26.71
C VAL H 45 -26.53 -1.10 -27.33
N LEU H 46 -26.25 -2.40 -27.40
CA LEU H 46 -25.00 -2.84 -28.01
C LEU H 46 -24.93 -2.44 -29.48
N GLU H 47 -26.03 -2.60 -30.20
CA GLU H 47 -26.07 -2.20 -31.61
C GLU H 47 -25.77 -0.72 -31.76
N TYR H 48 -26.38 0.11 -30.92
CA TYR H 48 -26.14 1.54 -30.99
C TYR H 48 -24.68 1.88 -30.72
N LEU H 49 -24.12 1.31 -29.65
CA LEU H 49 -22.75 1.62 -29.28
C LEU H 49 -21.80 1.22 -30.41
N THR H 50 -21.95 0.00 -30.93
CA THR H 50 -21.12 -0.41 -32.06
C THR H 50 -21.36 0.47 -33.26
N ALA H 51 -22.57 1.02 -33.40
CA ALA H 51 -22.87 1.86 -34.55
C ALA H 51 -22.01 3.12 -34.55
N GLU H 52 -21.99 3.87 -33.43
CA GLU H 52 -21.12 5.04 -33.42
C GLU H 52 -19.64 4.68 -33.34
N ILE H 53 -19.27 3.56 -32.72
CA ILE H 53 -17.86 3.15 -32.77
C ILE H 53 -17.43 2.98 -34.22
N LEU H 54 -18.20 2.23 -35.00
CA LEU H 54 -17.83 1.98 -36.39
C LEU H 54 -17.94 3.24 -37.23
N GLU H 55 -18.90 4.13 -36.92
CA GLU H 55 -19.04 5.37 -37.67
C GLU H 55 -17.80 6.25 -37.48
N LEU H 56 -17.37 6.43 -36.24
CA LEU H 56 -16.19 7.24 -35.99
C LEU H 56 -14.94 6.58 -36.55
N ALA H 57 -14.85 5.25 -36.47
CA ALA H 57 -13.72 4.56 -37.06
C ALA H 57 -13.66 4.76 -38.57
N GLY H 58 -14.82 4.68 -39.24
CA GLY H 58 -14.85 4.91 -40.67
C GLY H 58 -14.49 6.33 -41.04
N ASN H 59 -14.98 7.30 -40.26
CA ASN H 59 -14.60 8.69 -40.50
C ASN H 59 -13.09 8.89 -40.36
N ALA H 60 -12.50 8.30 -39.31
CA ALA H 60 -11.06 8.42 -39.14
C ALA H 60 -10.30 7.75 -40.28
N ALA H 61 -10.77 6.58 -40.72
CA ALA H 61 -10.11 5.89 -41.82
C ALA H 61 -10.18 6.68 -43.11
N ARG H 62 -11.35 7.26 -43.42
CA ARG H 62 -11.47 8.06 -44.63
C ARG H 62 -10.66 9.35 -44.53
N ASP H 63 -10.45 9.85 -43.31
CA ASP H 63 -9.56 10.99 -43.14
C ASP H 63 -8.11 10.63 -43.41
N ASN H 64 -7.73 9.37 -43.21
CA ASN H 64 -6.39 8.89 -43.50
C ASN H 64 -6.29 8.22 -44.86
N LYS H 65 -7.37 8.23 -45.63
CA LYS H 65 -7.38 7.70 -47.00
C LYS H 65 -7.06 6.20 -47.03
N LYS H 66 -7.75 5.45 -46.18
CA LYS H 66 -7.72 4.00 -46.21
C LYS H 66 -9.15 3.47 -46.17
N THR H 67 -9.34 2.27 -46.73
CA THR H 67 -10.66 1.67 -46.86
C THR H 67 -10.90 0.52 -45.88
N ARG H 68 -9.99 0.29 -44.95
CA ARG H 68 -10.16 -0.75 -43.94
C ARG H 68 -9.97 -0.15 -42.55
N ILE H 69 -10.78 -0.62 -41.61
CA ILE H 69 -10.70 -0.18 -40.23
C ILE H 69 -9.64 -1.01 -39.52
N ILE H 70 -8.70 -0.34 -38.87
CA ILE H 70 -7.62 -1.02 -38.17
C ILE H 70 -7.61 -0.55 -36.72
N PRO H 71 -6.88 -1.23 -35.82
CA PRO H 71 -6.81 -0.76 -34.43
C PRO H 71 -6.34 0.67 -34.29
N ARG H 72 -5.50 1.17 -35.19
CA ARG H 72 -5.13 2.58 -35.13
C ARG H 72 -6.34 3.48 -35.32
N HIS H 73 -7.18 3.18 -36.32
CA HIS H 73 -8.40 3.96 -36.51
C HIS H 73 -9.33 3.82 -35.32
N LEU H 74 -9.45 2.62 -34.77
CA LEU H 74 -10.30 2.44 -33.60
C LEU H 74 -9.81 3.28 -32.43
N GLN H 75 -8.50 3.28 -32.19
CA GLN H 75 -7.93 4.05 -31.09
C GLN H 75 -8.16 5.54 -31.29
N LEU H 76 -7.95 6.02 -32.51
CA LEU H 76 -8.18 7.43 -32.79
C LEU H 76 -9.64 7.81 -32.59
N ALA H 77 -10.56 6.96 -33.07
CA ALA H 77 -11.98 7.23 -32.91
C ALA H 77 -12.38 7.26 -31.44
N ILE H 78 -11.85 6.33 -30.65
CA ILE H 78 -12.21 6.29 -29.23
C ILE H 78 -11.67 7.52 -28.51
N ARG H 79 -10.40 7.88 -28.73
CA ARG H 79 -9.83 8.97 -27.97
C ARG H 79 -10.24 10.35 -28.47
N ASN H 80 -10.75 10.45 -29.71
CA ASN H 80 -11.15 11.76 -30.21
C ASN H 80 -12.48 12.20 -29.59
N ASP H 81 -13.39 11.28 -29.38
CA ASP H 81 -14.67 11.61 -28.77
C ASP H 81 -14.55 11.66 -27.26
N GLU H 82 -14.99 12.76 -26.66
CA GLU H 82 -14.90 12.91 -25.21
C GLU H 82 -15.80 11.91 -24.48
N GLU H 83 -17.00 11.66 -24.99
CA GLU H 83 -17.91 10.72 -24.34
C GLU H 83 -17.32 9.32 -24.35
N LEU H 84 -16.81 8.87 -25.51
CA LEU H 84 -16.22 7.55 -25.59
C LEU H 84 -14.93 7.46 -24.80
N ASN H 85 -14.16 8.56 -24.73
CA ASN H 85 -12.95 8.55 -23.91
C ASN H 85 -13.31 8.38 -22.44
N LYS H 86 -14.37 9.06 -21.99
CA LYS H 86 -14.84 8.87 -20.61
C LYS H 86 -15.30 7.43 -20.39
N LEU H 87 -16.01 6.87 -21.38
CA LEU H 87 -16.50 5.50 -21.23
C LEU H 87 -15.36 4.49 -21.15
N LEU H 88 -14.33 4.67 -21.97
CA LEU H 88 -13.23 3.72 -22.09
C LEU H 88 -11.90 4.36 -21.74
N GLY H 89 -11.86 5.13 -20.66
CA GLY H 89 -10.61 5.75 -20.25
C GLY H 89 -9.64 4.83 -19.56
N ARG H 90 -10.05 3.62 -19.21
CA ARG H 90 -9.21 2.66 -18.53
C ARG H 90 -9.04 1.37 -19.35
N VAL H 91 -9.10 1.49 -20.67
CA VAL H 91 -9.03 0.34 -21.57
C VAL H 91 -7.88 0.55 -22.53
N THR H 92 -7.07 -0.48 -22.71
CA THR H 92 -5.89 -0.43 -23.58
C THR H 92 -6.21 -1.11 -24.90
N ILE H 93 -5.91 -0.41 -26.00
CA ILE H 93 -6.14 -0.93 -27.35
C ILE H 93 -4.81 -1.42 -27.89
N ALA H 94 -4.75 -2.71 -28.23
CA ALA H 94 -3.53 -3.27 -28.80
C ALA H 94 -3.27 -2.70 -30.19
N GLN H 95 -2.00 -2.37 -30.46
CA GLN H 95 -1.60 -1.79 -31.74
C GLN H 95 -2.39 -0.51 -32.05
N GLY H 96 -2.64 0.28 -31.01
CA GLY H 96 -3.44 1.48 -31.17
C GLY H 96 -2.64 2.76 -31.21
N GLY H 97 -1.50 2.78 -30.53
CA GLY H 97 -0.74 4.01 -30.47
C GLY H 97 -1.40 5.04 -29.58
N VAL H 98 -0.95 6.28 -29.73
CA VAL H 98 -1.46 7.40 -28.94
C VAL H 98 -1.79 8.56 -29.88
N LEU H 99 -2.64 9.46 -29.41
CA LEU H 99 -2.95 10.63 -30.20
C LEU H 99 -1.77 11.60 -30.20
N PRO H 100 -1.39 12.10 -31.37
CA PRO H 100 -0.23 13.00 -31.44
C PRO H 100 -0.50 14.34 -30.78
N ASN H 101 0.18 14.61 -29.66
CA ASN H 101 0.11 15.91 -29.02
C ASN H 101 1.47 16.29 -28.46
N ILE H 102 1.80 17.57 -28.56
CA ILE H 102 3.04 18.13 -28.03
C ILE H 102 2.68 19.40 -27.27
N GLN H 103 3.17 19.50 -26.03
CA GLN H 103 2.88 20.67 -25.21
C GLN H 103 3.56 21.91 -25.77
N ALA H 104 2.90 23.06 -25.64
CA ALA H 104 3.40 24.28 -26.24
C ALA H 104 4.74 24.70 -25.65
N VAL H 105 5.00 24.37 -24.39
CA VAL H 105 6.27 24.72 -23.78
C VAL H 105 7.41 24.03 -24.49
N LEU H 106 7.22 22.77 -24.90
CA LEU H 106 8.27 22.02 -25.55
C LEU H 106 8.57 22.53 -26.95
N LEU H 107 7.61 23.20 -27.60
CA LEU H 107 7.82 23.71 -28.93
C LEU H 107 8.87 24.83 -28.92
N PRO H 108 9.64 24.97 -30.01
CA PRO H 108 10.66 26.02 -30.04
C PRO H 108 10.05 27.40 -30.06
N LYS H 109 10.79 28.36 -29.49
CA LYS H 109 10.34 29.74 -29.43
C LYS H 109 11.51 30.70 -29.65
N ARG I 1 -12.78 -30.43 -31.20
CA ARG I 1 -13.42 -29.64 -32.25
C ARG I 1 -14.54 -28.77 -31.68
N SER I 2 -14.25 -28.08 -30.59
CA SER I 2 -15.23 -27.19 -29.98
C SER I 2 -15.48 -25.98 -30.88
N ARG I 3 -16.71 -25.48 -30.85
CA ARG I 3 -17.12 -24.33 -31.63
C ARG I 3 -17.15 -23.10 -30.74
N LYS I 4 -16.44 -22.05 -31.15
CA LYS I 4 -16.35 -20.82 -30.38
C LYS I 4 -17.23 -19.76 -31.04
N GLU I 5 -17.90 -18.96 -30.20
CA GLU I 5 -18.86 -17.99 -30.68
C GLU I 5 -18.35 -16.56 -30.47
N SER I 6 -18.65 -15.70 -31.44
CA SER I 6 -18.30 -14.29 -31.38
C SER I 6 -19.39 -13.48 -32.07
N TYR I 7 -19.28 -12.16 -31.99
CA TYR I 7 -20.23 -11.25 -32.61
C TYR I 7 -19.75 -10.73 -33.96
N SER I 8 -18.87 -11.49 -34.62
CA SER I 8 -18.24 -11.02 -35.85
C SER I 8 -19.29 -10.78 -36.94
N VAL I 9 -20.22 -11.71 -37.10
CA VAL I 9 -21.23 -11.57 -38.15
C VAL I 9 -22.09 -10.34 -37.89
N TYR I 10 -22.53 -10.15 -36.64
CA TYR I 10 -23.41 -9.04 -36.32
C TYR I 10 -22.72 -7.70 -36.51
N VAL I 11 -21.49 -7.57 -36.02
CA VAL I 11 -20.77 -6.31 -36.19
C VAL I 11 -20.45 -6.08 -37.66
N TYR I 12 -20.31 -7.17 -38.42
CA TYR I 12 -20.06 -7.04 -39.85
C TYR I 12 -21.28 -6.48 -40.57
N LYS I 13 -22.46 -7.00 -40.24
CA LYS I 13 -23.69 -6.45 -40.79
C LYS I 13 -23.87 -4.99 -40.40
N VAL I 14 -23.54 -4.66 -39.15
CA VAL I 14 -23.64 -3.26 -38.72
C VAL I 14 -22.67 -2.39 -39.52
N LEU I 15 -21.47 -2.90 -39.78
CA LEU I 15 -20.48 -2.14 -40.53
C LEU I 15 -20.95 -1.86 -41.96
N LYS I 16 -21.49 -2.88 -42.64
CA LYS I 16 -22.06 -2.60 -43.96
C LYS I 16 -23.33 -1.76 -43.89
N GLN I 17 -24.07 -1.80 -42.78
CA GLN I 17 -25.24 -0.96 -42.67
C GLN I 17 -24.85 0.52 -42.53
N VAL I 18 -23.77 0.80 -41.82
CA VAL I 18 -23.32 2.18 -41.62
C VAL I 18 -22.54 2.65 -42.84
N HIS I 19 -21.41 1.99 -43.12
CA HIS I 19 -20.58 2.30 -44.28
C HIS I 19 -20.66 1.15 -45.27
N PRO I 20 -21.40 1.31 -46.38
CA PRO I 20 -21.59 0.18 -47.29
C PRO I 20 -20.32 -0.28 -47.98
N ASP I 21 -19.27 0.55 -48.04
CA ASP I 21 -18.07 0.25 -48.82
C ASP I 21 -16.83 0.42 -47.97
N THR I 22 -16.82 -0.18 -46.78
CA THR I 22 -15.66 -0.15 -45.91
C THR I 22 -15.44 -1.54 -45.31
N GLY I 23 -14.17 -1.95 -45.23
CA GLY I 23 -13.81 -3.24 -44.72
C GLY I 23 -13.37 -3.19 -43.27
N ILE I 24 -13.07 -4.38 -42.73
CA ILE I 24 -12.66 -4.55 -41.35
C ILE I 24 -11.50 -5.53 -41.30
N SER I 25 -10.55 -5.27 -40.41
CA SER I 25 -9.41 -6.14 -40.23
C SER I 25 -9.72 -7.23 -39.20
N SER I 26 -9.00 -8.35 -39.32
CA SER I 26 -9.17 -9.43 -38.37
C SER I 26 -8.77 -9.00 -36.96
N LYS I 27 -7.69 -8.23 -36.85
CA LYS I 27 -7.28 -7.71 -35.55
C LYS I 27 -8.35 -6.80 -34.98
N ALA I 28 -8.95 -5.94 -35.81
CA ALA I 28 -10.04 -5.10 -35.35
C ALA I 28 -11.27 -5.91 -34.98
N MET I 29 -11.45 -7.08 -35.60
CA MET I 29 -12.56 -7.95 -35.23
C MET I 29 -12.46 -8.39 -33.78
N GLY I 30 -11.28 -8.82 -33.35
CA GLY I 30 -11.09 -9.20 -31.96
C GLY I 30 -11.30 -8.04 -31.01
N ILE I 31 -10.86 -6.85 -31.41
CA ILE I 31 -11.04 -5.67 -30.58
C ILE I 31 -12.52 -5.36 -30.41
N MET I 32 -13.28 -5.42 -31.51
CA MET I 32 -14.72 -5.17 -31.42
C MET I 32 -15.40 -6.23 -30.57
N ASN I 33 -15.01 -7.50 -30.72
CA ASN I 33 -15.59 -8.55 -29.90
C ASN I 33 -15.31 -8.32 -28.42
N SER I 34 -14.08 -7.93 -28.09
CA SER I 34 -13.74 -7.65 -26.70
C SER I 34 -14.55 -6.47 -26.16
N PHE I 35 -14.72 -5.42 -26.98
CA PHE I 35 -15.52 -4.28 -26.55
C PHE I 35 -16.96 -4.68 -26.29
N VAL I 36 -17.55 -5.47 -27.19
CA VAL I 36 -18.93 -5.91 -27.01
C VAL I 36 -19.06 -6.76 -25.75
N ASN I 37 -18.12 -7.68 -25.54
CA ASN I 37 -18.17 -8.52 -24.35
C ASN I 37 -18.03 -7.69 -23.08
N ASP I 38 -17.14 -6.71 -23.09
CA ASP I 38 -16.92 -5.88 -21.91
C ASP I 38 -18.19 -5.09 -21.58
N ILE I 39 -18.80 -4.47 -22.58
CA ILE I 39 -20.02 -3.69 -22.34
C ILE I 39 -21.14 -4.60 -21.87
N PHE I 40 -21.28 -5.77 -22.49
CA PHE I 40 -22.30 -6.72 -22.08
C PHE I 40 -22.13 -7.12 -20.62
N GLU I 41 -20.89 -7.43 -20.22
CA GLU I 41 -20.64 -7.83 -18.85
C GLU I 41 -20.93 -6.69 -17.89
N ARG I 42 -20.55 -5.46 -18.25
CA ARG I 42 -20.81 -4.32 -17.38
C ARG I 42 -22.31 -4.14 -17.16
N ILE I 43 -23.08 -4.13 -18.25
CA ILE I 43 -24.52 -3.89 -18.14
C ILE I 43 -25.19 -5.03 -17.36
N ALA I 44 -24.82 -6.28 -17.67
CA ALA I 44 -25.43 -7.41 -16.98
C ALA I 44 -25.10 -7.39 -15.49
N GLY I 45 -23.85 -7.10 -15.14
CA GLY I 45 -23.48 -7.04 -13.75
C GLY I 45 -24.22 -5.95 -13.00
N GLU I 46 -24.34 -4.77 -13.60
CA GLU I 46 -25.08 -3.69 -12.95
C GLU I 46 -26.55 -4.05 -12.80
N ALA I 47 -27.15 -4.65 -13.83
CA ALA I 47 -28.56 -5.03 -13.74
C ALA I 47 -28.79 -6.04 -12.63
N SER I 48 -27.95 -7.08 -12.57
CA SER I 48 -28.07 -8.06 -11.50
C SER I 48 -27.87 -7.43 -10.14
N ARG I 49 -26.91 -6.50 -10.04
CA ARG I 49 -26.64 -5.86 -8.77
C ARG I 49 -27.85 -5.05 -8.31
N LEU I 50 -28.45 -4.28 -9.22
CA LEU I 50 -29.66 -3.52 -8.86
C LEU I 50 -30.81 -4.44 -8.46
N ALA I 51 -30.99 -5.54 -9.19
CA ALA I 51 -31.98 -6.53 -8.78
C ALA I 51 -31.72 -6.98 -7.35
N HIS I 52 -30.46 -7.16 -6.98
CA HIS I 52 -30.13 -7.48 -5.60
C HIS I 52 -30.46 -6.32 -4.65
N TYR I 53 -30.20 -5.08 -5.06
CA TYR I 53 -30.49 -3.95 -4.18
C TYR I 53 -31.97 -3.92 -3.81
N ASN I 54 -32.84 -4.03 -4.82
CA ASN I 54 -34.26 -3.83 -4.60
C ASN I 54 -34.98 -5.09 -4.14
N LYS I 55 -34.27 -6.05 -3.56
CA LYS I 55 -34.86 -7.32 -3.12
C LYS I 55 -35.57 -8.02 -4.28
N ARG I 56 -35.06 -7.80 -5.49
CA ARG I 56 -35.71 -8.24 -6.71
C ARG I 56 -35.03 -9.49 -7.24
N SER I 57 -35.80 -10.32 -7.94
CA SER I 57 -35.27 -11.57 -8.47
C SER I 57 -35.38 -11.68 -9.98
N THR I 58 -35.89 -10.65 -10.66
CA THR I 58 -36.08 -10.68 -12.10
C THR I 58 -35.33 -9.50 -12.73
N ILE I 59 -34.60 -9.77 -13.80
CA ILE I 59 -33.96 -8.73 -14.58
C ILE I 59 -34.87 -8.37 -15.74
N THR I 60 -35.53 -7.22 -15.64
CA THR I 60 -36.39 -6.71 -16.70
C THR I 60 -35.76 -5.48 -17.33
N SER I 61 -36.49 -4.86 -18.26
CA SER I 61 -35.91 -3.78 -19.05
C SER I 61 -35.70 -2.51 -18.22
N ARG I 62 -36.40 -2.38 -17.09
CA ARG I 62 -36.28 -1.17 -16.30
C ARG I 62 -34.88 -1.04 -15.70
N GLU I 63 -34.37 -2.09 -15.07
CA GLU I 63 -33.03 -2.03 -14.50
C GLU I 63 -31.97 -2.08 -15.60
N ILE I 64 -32.30 -2.63 -16.77
CA ILE I 64 -31.40 -2.49 -17.92
C ILE I 64 -31.24 -1.03 -18.28
N GLN I 65 -32.36 -0.30 -18.37
CA GLN I 65 -32.31 1.13 -18.66
C GLN I 65 -31.55 1.88 -17.58
N THR I 66 -31.77 1.52 -16.31
CA THR I 66 -31.07 2.19 -15.23
C THR I 66 -29.56 1.93 -15.31
N ALA I 67 -29.16 0.70 -15.64
CA ALA I 67 -27.74 0.40 -15.79
C ALA I 67 -27.13 1.17 -16.95
N VAL I 68 -27.88 1.30 -18.06
CA VAL I 68 -27.40 2.10 -19.18
C VAL I 68 -27.20 3.55 -18.75
N ARG I 69 -28.16 4.09 -18.00
CA ARG I 69 -28.02 5.46 -17.50
C ARG I 69 -26.81 5.59 -16.57
N LEU I 70 -26.58 4.57 -15.75
CA LEU I 70 -25.43 4.58 -14.85
C LEU I 70 -24.11 4.60 -15.62
N LEU I 71 -23.97 3.72 -16.61
CA LEU I 71 -22.69 3.57 -17.30
C LEU I 71 -22.48 4.65 -18.35
N LEU I 72 -23.34 4.70 -19.35
CA LEU I 72 -23.15 5.63 -20.44
C LEU I 72 -23.41 7.05 -19.95
N PRO I 73 -22.56 8.02 -20.31
CA PRO I 73 -22.81 9.40 -19.87
C PRO I 73 -23.51 10.29 -20.89
N GLY I 74 -24.44 11.10 -20.41
CA GLY I 74 -24.93 12.25 -21.17
C GLY I 74 -25.62 11.90 -22.48
N GLU I 75 -25.13 12.53 -23.55
CA GLU I 75 -25.74 12.37 -24.88
C GLU I 75 -25.82 10.90 -25.26
N LEU I 76 -24.70 10.18 -25.09
CA LEU I 76 -24.65 8.77 -25.40
C LEU I 76 -25.68 8.00 -24.58
N ALA I 77 -25.80 8.33 -23.29
CA ALA I 77 -26.75 7.65 -22.43
C ALA I 77 -28.18 7.83 -22.92
N LYS I 78 -28.59 9.07 -23.19
CA LYS I 78 -29.99 9.28 -23.52
C LYS I 78 -30.30 8.74 -24.92
N HIS I 79 -29.35 8.80 -25.85
CA HIS I 79 -29.59 8.22 -27.16
C HIS I 79 -29.72 6.69 -27.06
N ALA I 80 -28.88 6.06 -26.24
CA ALA I 80 -29.01 4.63 -26.04
C ALA I 80 -30.35 4.28 -25.39
N VAL I 81 -30.79 5.10 -24.43
CA VAL I 81 -32.08 4.87 -23.80
C VAL I 81 -33.21 4.96 -24.82
N SER I 82 -33.14 5.96 -25.70
CA SER I 82 -34.16 6.11 -26.74
C SER I 82 -34.16 4.90 -27.66
N GLU I 83 -32.98 4.43 -28.06
CA GLU I 83 -32.91 3.26 -28.93
C GLU I 83 -33.49 2.02 -28.26
N GLY I 84 -33.15 1.82 -26.98
CA GLY I 84 -33.70 0.68 -26.26
C GLY I 84 -35.21 0.74 -26.11
N THR I 85 -35.74 1.92 -25.80
CA THR I 85 -37.19 2.07 -25.68
C THR I 85 -37.87 1.81 -27.02
N LYS I 86 -37.28 2.31 -28.11
CA LYS I 86 -37.87 2.06 -29.42
C LYS I 86 -37.86 0.58 -29.76
N ALA I 87 -36.76 -0.11 -29.46
CA ALA I 87 -36.69 -1.54 -29.74
C ALA I 87 -37.71 -2.32 -28.91
N VAL I 88 -37.86 -1.97 -27.64
CA VAL I 88 -38.82 -2.66 -26.78
C VAL I 88 -40.24 -2.41 -27.28
N THR I 89 -40.53 -1.17 -27.68
CA THR I 89 -41.85 -0.86 -28.21
C THR I 89 -42.15 -1.64 -29.48
N LYS I 90 -41.17 -1.74 -30.38
CA LYS I 90 -41.36 -2.51 -31.60
C LYS I 90 -41.57 -3.98 -31.29
N TYR I 91 -40.82 -4.53 -30.34
CA TYR I 91 -40.99 -5.93 -29.96
C TYR I 91 -42.38 -6.17 -29.40
N THR I 92 -42.86 -5.27 -28.53
CA THR I 92 -44.20 -5.42 -27.96
C THR I 92 -45.26 -5.33 -29.05
N SER I 93 -45.09 -4.41 -30.00
CA SER I 93 -46.02 -4.29 -31.11
C SER I 93 -46.02 -5.54 -31.98
N ALA I 94 -44.87 -6.18 -32.17
CA ALA I 94 -44.80 -7.40 -32.95
C ALA I 94 -45.38 -8.59 -32.19
N MET L 1 12.97 -21.06 38.05
CA MET L 1 14.35 -20.69 37.76
C MET L 1 14.67 -19.28 38.23
N GLN L 2 15.96 -19.04 38.52
CA GLN L 2 16.40 -17.82 39.18
C GLN L 2 17.19 -16.96 38.22
N ILE L 3 16.75 -15.71 38.04
CA ILE L 3 17.41 -14.74 37.18
C ILE L 3 17.47 -13.40 37.89
N PHE L 4 18.63 -12.75 37.80
CA PHE L 4 18.87 -11.46 38.43
C PHE L 4 18.42 -10.34 37.52
N VAL L 5 18.11 -9.19 38.12
CA VAL L 5 17.67 -7.99 37.40
C VAL L 5 18.43 -6.79 37.93
N LYS L 6 18.94 -5.96 37.02
CA LYS L 6 19.66 -4.75 37.36
C LYS L 6 18.74 -3.56 37.15
N THR L 7 18.57 -2.73 38.18
CA THR L 7 17.65 -1.61 38.12
C THR L 7 18.35 -0.36 37.58
N LEU L 8 17.70 0.79 37.69
CA LEU L 8 18.21 2.02 37.08
C LEU L 8 19.51 2.47 37.72
N THR L 9 19.58 2.44 39.05
CA THR L 9 20.81 2.85 39.72
C THR L 9 21.92 1.81 39.61
N GLY L 10 21.60 0.61 39.14
CA GLY L 10 22.60 -0.41 38.89
C GLY L 10 22.63 -1.55 39.88
N LYS L 11 21.86 -1.48 40.96
CA LYS L 11 21.87 -2.56 41.94
C LYS L 11 21.23 -3.81 41.35
N THR L 12 21.68 -4.96 41.83
CA THR L 12 21.23 -6.25 41.33
C THR L 12 20.26 -6.89 42.32
N ILE L 13 19.13 -7.37 41.81
CA ILE L 13 18.09 -7.97 42.64
C ILE L 13 17.74 -9.34 42.06
N THR L 14 17.61 -10.32 42.96
CA THR L 14 17.30 -11.69 42.57
C THR L 14 15.81 -11.84 42.30
N LEU L 15 15.47 -12.45 41.17
CA LEU L 15 14.09 -12.73 40.79
C LEU L 15 13.93 -14.22 40.50
N GLU L 16 12.73 -14.73 40.77
CA GLU L 16 12.40 -16.13 40.55
C GLU L 16 11.24 -16.24 39.56
N VAL L 17 11.43 -17.05 38.52
CA VAL L 17 10.43 -17.27 37.48
C VAL L 17 10.50 -18.73 37.03
N GLU L 18 9.61 -19.07 36.11
CA GLU L 18 9.62 -20.35 35.41
C GLU L 18 9.54 -20.09 33.92
N PRO L 19 10.03 -21.04 33.10
CA PRO L 19 10.10 -20.78 31.64
C PRO L 19 8.77 -20.45 31.00
N SER L 20 7.66 -20.93 31.55
CA SER L 20 6.35 -20.63 30.98
C SER L 20 5.92 -19.19 31.19
N ASP L 21 6.65 -18.42 31.99
CA ASP L 21 6.26 -17.04 32.26
C ASP L 21 6.35 -16.19 31.01
N THR L 22 5.51 -15.16 30.96
CA THR L 22 5.51 -14.16 29.91
C THR L 22 6.05 -12.84 30.45
N ILE L 23 6.43 -11.96 29.52
CA ILE L 23 6.99 -10.67 29.91
C ILE L 23 5.96 -9.83 30.66
N GLU L 24 4.67 -10.07 30.42
CA GLU L 24 3.66 -9.48 31.28
C GLU L 24 3.88 -9.88 32.74
N ASN L 25 4.15 -11.16 32.99
CA ASN L 25 4.44 -11.60 34.35
C ASN L 25 5.78 -11.05 34.84
N VAL L 26 6.76 -10.93 33.95
CA VAL L 26 8.09 -10.47 34.34
C VAL L 26 8.02 -9.04 34.87
N LYS L 27 7.37 -8.14 34.11
CA LYS L 27 7.21 -6.78 34.58
C LYS L 27 6.26 -6.70 35.77
N ALA L 28 5.30 -7.62 35.86
CA ALA L 28 4.41 -7.64 37.01
C ALA L 28 5.16 -7.92 38.30
N LYS L 29 6.13 -8.85 38.24
CA LYS L 29 6.97 -9.11 39.41
C LYS L 29 7.81 -7.90 39.76
N ILE L 30 8.18 -7.09 38.76
CA ILE L 30 8.89 -5.85 39.04
C ILE L 30 8.01 -4.87 39.81
N GLN L 31 6.71 -4.86 39.52
CA GLN L 31 5.80 -3.98 40.24
C GLN L 31 5.82 -4.27 41.74
N ASP L 32 5.91 -5.55 42.11
CA ASP L 32 5.81 -5.94 43.51
C ASP L 32 6.96 -5.37 44.34
N LYS L 33 8.18 -5.43 43.81
CA LYS L 33 9.37 -5.08 44.58
C LYS L 33 10.07 -3.83 44.07
N GLU L 34 9.55 -3.17 43.04
CA GLU L 34 10.13 -1.91 42.59
C GLU L 34 9.11 -0.79 42.51
N GLY L 35 7.88 -1.07 42.11
CA GLY L 35 6.85 -0.05 42.01
C GLY L 35 6.92 0.80 40.76
N ILE L 36 7.90 0.56 39.89
CA ILE L 36 7.98 1.28 38.62
C ILE L 36 6.83 0.83 37.73
N PRO L 37 6.03 1.74 37.17
CA PRO L 37 4.88 1.32 36.35
C PRO L 37 5.33 0.64 35.07
N PRO L 38 4.53 -0.30 34.56
CA PRO L 38 4.99 -1.08 33.39
C PRO L 38 5.21 -0.26 32.13
N ASP L 39 4.43 0.80 31.92
CA ASP L 39 4.39 1.41 30.58
C ASP L 39 5.68 2.10 30.19
N GLN L 40 6.57 2.44 31.13
CA GLN L 40 7.92 2.84 30.75
C GLN L 40 8.96 1.77 31.03
N GLN L 41 8.58 0.64 31.60
CA GLN L 41 9.52 -0.44 31.87
C GLN L 41 9.96 -1.09 30.56
N ARG L 42 11.26 -1.35 30.45
CA ARG L 42 11.82 -2.07 29.32
C ARG L 42 13.09 -2.77 29.76
N LEU L 43 13.26 -4.01 29.30
CA LEU L 43 14.34 -4.87 29.75
C LEU L 43 15.18 -5.34 28.57
N ILE L 44 16.46 -5.55 28.80
CA ILE L 44 17.41 -5.94 27.77
C ILE L 44 18.03 -7.27 28.15
N PHE L 45 17.94 -8.25 27.25
CA PHE L 45 18.60 -9.54 27.44
C PHE L 45 19.51 -9.78 26.24
N ALA L 46 20.82 -9.87 26.51
CA ALA L 46 21.83 -10.10 25.49
C ALA L 46 21.79 -9.04 24.40
N GLY L 47 21.45 -7.81 24.77
CA GLY L 47 21.37 -6.72 23.81
C GLY L 47 20.12 -6.70 22.97
N LYS L 48 19.11 -7.50 23.30
CA LYS L 48 17.86 -7.60 22.54
C LYS L 48 16.72 -7.02 23.36
N GLN L 49 15.89 -6.21 22.72
CA GLN L 49 14.63 -5.80 23.31
C GLN L 49 13.70 -6.99 23.43
N LEU L 50 12.96 -7.06 24.52
CA LEU L 50 12.06 -8.18 24.78
C LEU L 50 10.64 -7.78 24.40
N GLU L 51 10.10 -8.43 23.36
CA GLU L 51 8.72 -8.19 23.01
C GLU L 51 7.80 -8.70 24.12
N ASP L 52 6.82 -7.87 24.46
CA ASP L 52 6.06 -8.08 25.69
C ASP L 52 5.26 -9.38 25.63
N GLY L 53 4.62 -9.64 24.49
CA GLY L 53 3.71 -10.77 24.38
C GLY L 53 4.36 -12.14 24.27
N ARG L 54 5.69 -12.21 24.14
CA ARG L 54 6.35 -13.48 23.88
C ARG L 54 6.56 -14.18 25.23
N THR L 55 7.38 -15.23 25.28
CA THR L 55 7.66 -15.94 26.52
C THR L 55 9.16 -16.03 26.74
N LEU L 56 9.55 -16.21 28.00
CA LEU L 56 10.96 -16.18 28.38
C LEU L 56 11.74 -17.31 27.74
N SER L 57 11.18 -18.52 27.73
CA SER L 57 11.91 -19.68 27.21
C SER L 57 12.30 -19.52 25.75
N ASP L 58 11.49 -18.80 24.96
CA ASP L 58 11.82 -18.59 23.56
C ASP L 58 13.07 -17.74 23.38
N TYR L 59 13.33 -16.84 24.34
CA TYR L 59 14.55 -16.05 24.33
C TYR L 59 15.76 -16.82 24.84
N ASN L 60 15.58 -18.08 25.22
CA ASN L 60 16.67 -18.94 25.70
C ASN L 60 17.40 -18.29 26.88
N ILE L 61 16.61 -17.82 27.84
CA ILE L 61 17.16 -17.27 29.08
C ILE L 61 17.28 -18.42 30.08
N GLN L 62 18.47 -18.59 30.64
CA GLN L 62 18.73 -19.65 31.58
C GLN L 62 18.85 -19.07 32.99
N LYS L 63 19.18 -19.92 33.96
CA LYS L 63 19.35 -19.45 35.33
C LYS L 63 20.59 -18.57 35.45
N GLU L 64 20.64 -17.79 36.53
CA GLU L 64 21.73 -16.88 36.85
C GLU L 64 21.90 -15.77 35.83
N SER L 65 20.88 -15.51 35.00
CA SER L 65 20.98 -14.47 33.99
C SER L 65 20.76 -13.10 34.61
N THR L 66 21.04 -12.06 33.82
CA THR L 66 20.89 -10.68 34.23
C THR L 66 20.10 -9.90 33.18
N LEU L 67 19.19 -9.05 33.64
CA LEU L 67 18.43 -8.17 32.77
C LEU L 67 18.86 -6.73 32.98
N HIS L 68 18.76 -5.94 31.91
CA HIS L 68 19.18 -4.55 31.91
C HIS L 68 17.93 -3.69 31.84
N LEU L 69 17.66 -2.92 32.90
CA LEU L 69 16.47 -2.10 33.00
C LEU L 69 16.84 -0.65 32.79
N VAL L 70 16.23 -0.02 31.78
CA VAL L 70 16.44 1.38 31.46
C VAL L 70 15.09 2.04 31.20
N LEU L 71 15.12 3.36 31.05
CA LEU L 71 13.93 4.17 30.83
C LEU L 71 14.01 4.85 29.48
N ARG L 72 12.86 5.35 29.02
CA ARG L 72 12.75 6.06 27.76
C ARG L 72 12.87 7.56 28.02
N LEU L 73 13.75 8.21 27.26
CA LEU L 73 14.07 9.62 27.43
C LEU L 73 13.66 10.34 26.14
N ARG L 74 12.94 11.45 26.27
CA ARG L 74 12.44 12.19 25.12
C ARG L 74 13.34 13.39 24.86
N GLY L 75 13.66 13.63 23.59
CA GLY L 75 14.46 14.79 23.23
C GLY L 75 14.38 15.06 21.75
N CYS L 76 14.12 16.32 21.41
CA CYS L 76 13.98 16.72 20.01
C CYS L 76 15.04 17.76 19.63
#